data_6O9I
#
_entry.id   6O9I
#
_cell.length_a   41.430
_cell.length_b   43.680
_cell.length_c   133.820
_cell.angle_alpha   87.860
_cell.angle_beta   88.380
_cell.angle_gamma   81.170
#
_symmetry.space_group_name_H-M   'P 1'
#
loop_
_entity.id
_entity.type
_entity.pdbx_description
1 polymer 'Fab1 heavy chain'
2 polymer 'Fab1 light chain'
3 polymer 'Gastric inhibitory polypeptide receptor'
4 polymer 'Fab 2 heavy chain'
5 polymer 'Fab2 light chain'
6 non-polymer 1,2-ETHANEDIOL
7 water water
#
loop_
_entity_poly.entity_id
_entity_poly.type
_entity_poly.pdbx_seq_one_letter_code
_entity_poly.pdbx_strand_id
1 'polypeptide(L)'
;DVQLVESGGGLVQPGGSRKLSCAASGFTFSSFGMHWVRQAPEKGLEWVAYISSGSSTIYYADTVKGRFTISRDNPKNTLF
LQMTSLRSEDTAMYYCARGKYPTWIAYWGQGTLVTVSAAKTTPPSVYPLAPGSAAQTNSMVTLGCLVKGYFPEPVTVTWN
SGSLSSGVHTFPAVLQSDLYTLSSSVTVPSSTWPSETVTCNVAHPASSTKVDKKIVPRDCGCKPC
;
A
2 'polypeptide(L)'
;DIVMTQSPSSLTVTAGEKVTMSCKSSQSLLNSGNQKNYLTWYQQKPGQPPKLLISWASTRDSGVPDRFTGSGSGTDFTLT
ISSVQAEDLAVYYCQNDYSYPLTFGAGTKLELKRADAAPTVSIFPPSSEQLTSGGASVVCFLNNFYPKDINVKWKIDGSE
RQNGVLNSWTDQDSKDSTYSMSSTLTLTKDEYERHNSYTCEATHKTSTSPIVKSFNRNEC
;
B
3 'polypeptide(L)'
;MGSSHHHHHHSSGLVPRGSHMETDSEGQTTTGELYQRWEHYGQECQKMLETTEPPSGLACNGSFDMYACWNYTAANTTAR
VSCPWYLPWFRQVSAGFVFRQCGSDGQWGSWRDHTQCENPEKNGAFQDQTLILERLQ
;
C
4 'polypeptide(L)'
;(PCA)VQLQQPGAELVKPGASVKLSCRASGYTFTSNWMHWVKQRPRQGLEWIGEINPSNGRSNYNEKFKTKATLTVDKSS
STAYMQLSSLTSEDSAVYYCARFYYGTSWFAYWGQGTLVAVSAAKTTPPSVYPLAPGSAAQTNSMVTLGCLVKGYFPEPV
TVTWNSGSLSSGVHTFPAVLQSDLYTLSSSVTVPSSTWPSETVTCNVAHPASSTKVDKKIVPRDCGCKPC
;
D
5 'polypeptide(L)'
;DVVMTQTPLSLPVSLGDQASISCRSSQSLVHSNGDTYLHWYLQKPGQSPKLLIYKVSNRFSGVPDRFSGSGSGTDFTLKI
SRVEAADLGVYFCSQSTHVPPFTFGGGTKLEIKRADAAPTVSIFPPSSEQLTSGGASVVCFLNNFYPKDINVKWKIDGSE
RQNGVLNSWTDQDSKDSTYSMSSTLTLTKDEYERHNSYTCEATHKTSTSPIVKSFNRNEC
;
E
#
# COMPACT_ATOMS: atom_id res chain seq x y z
N ASP A 1 16.06 19.97 -3.15
CA ASP A 1 16.41 19.46 -4.48
C ASP A 1 17.10 18.11 -4.36
N VAL A 2 16.74 17.18 -5.26
CA VAL A 2 17.35 15.86 -5.25
C VAL A 2 18.81 15.97 -5.66
N GLN A 3 19.71 15.44 -4.83
CA GLN A 3 21.14 15.56 -5.06
C GLN A 3 21.82 14.22 -4.79
N LEU A 4 22.65 13.80 -5.75
CA LEU A 4 23.46 12.58 -5.62
C LEU A 4 24.90 12.93 -5.96
N VAL A 5 25.80 12.74 -5.00
CA VAL A 5 27.21 13.09 -5.16
C VAL A 5 28.04 11.83 -4.97
N GLU A 6 28.74 11.42 -6.02
CA GLU A 6 29.60 10.25 -5.96
C GLU A 6 31.03 10.65 -5.59
N SER A 7 31.76 9.68 -5.03
CA SER A 7 33.15 9.88 -4.68
C SER A 7 33.85 8.53 -4.64
N GLY A 8 35.18 8.57 -4.54
CA GLY A 8 36.00 7.38 -4.50
C GLY A 8 36.70 7.06 -5.80
N GLY A 9 36.45 7.80 -6.86
CA GLY A 9 37.09 7.54 -8.14
C GLY A 9 38.56 7.91 -8.14
N GLY A 10 39.22 7.56 -9.23
CA GLY A 10 40.63 7.83 -9.39
C GLY A 10 41.30 6.72 -10.16
N LEU A 11 42.62 6.60 -9.96
CA LEU A 11 43.43 5.59 -10.63
C LEU A 11 43.47 4.32 -9.80
N VAL A 12 43.23 3.19 -10.44
CA VAL A 12 43.31 1.89 -9.80
C VAL A 12 44.21 1.00 -10.65
N GLN A 13 45.12 0.27 -9.99
CA GLN A 13 45.96 -0.67 -10.69
C GLN A 13 45.13 -1.83 -11.23
N PRO A 14 45.54 -2.42 -12.36
CA PRO A 14 44.79 -3.55 -12.91
C PRO A 14 44.69 -4.70 -11.92
N GLY A 15 43.50 -5.26 -11.81
CA GLY A 15 43.22 -6.31 -10.86
C GLY A 15 42.97 -5.84 -9.44
N GLY A 16 43.08 -4.54 -9.18
CA GLY A 16 42.88 -4.01 -7.84
C GLY A 16 41.42 -3.79 -7.51
N SER A 17 41.19 -3.29 -6.29
CA SER A 17 39.87 -3.05 -5.77
C SER A 17 39.67 -1.56 -5.47
N ARG A 18 38.42 -1.12 -5.55
CA ARG A 18 38.09 0.28 -5.28
C ARG A 18 36.61 0.36 -4.93
N LYS A 19 36.31 1.04 -3.82
CA LYS A 19 34.94 1.18 -3.33
C LYS A 19 34.45 2.60 -3.61
N LEU A 20 33.30 2.71 -4.26
CA LEU A 20 32.68 3.99 -4.56
C LEU A 20 31.60 4.30 -3.52
N SER A 21 31.36 5.60 -3.33
CA SER A 21 30.33 6.07 -2.41
C SER A 21 29.46 7.10 -3.11
N CYS A 22 28.19 7.14 -2.70
CA CYS A 22 27.20 8.05 -3.29
C CYS A 22 26.41 8.68 -2.16
N ALA A 23 26.60 9.98 -1.95
CA ALA A 23 25.91 10.71 -0.89
C ALA A 23 24.61 11.28 -1.45
N ALA A 24 23.49 10.92 -0.82
CA ALA A 24 22.17 11.35 -1.26
C ALA A 24 21.59 12.37 -0.30
N SER A 25 20.76 13.26 -0.83
CA SER A 25 20.10 14.28 -0.03
C SER A 25 18.91 14.82 -0.81
N GLY A 26 18.01 15.49 -0.09
CA GLY A 26 16.83 16.07 -0.68
C GLY A 26 15.64 15.16 -0.80
N PHE A 27 15.72 13.93 -0.28
CA PHE A 27 14.60 12.99 -0.35
C PHE A 27 14.81 11.92 0.71
N THR A 28 13.76 11.13 0.92
CA THR A 28 13.80 10.03 1.90
C THR A 28 14.59 8.88 1.27
N PHE A 29 15.86 8.77 1.65
CA PHE A 29 16.73 7.78 1.02
C PHE A 29 16.31 6.35 1.35
N SER A 30 15.70 6.14 2.51
CA SER A 30 15.33 4.79 2.95
C SER A 30 14.09 4.24 2.26
N SER A 31 13.48 4.99 1.35
CA SER A 31 12.28 4.55 0.64
C SER A 31 12.51 4.34 -0.84
N PHE A 32 13.73 4.56 -1.34
CA PHE A 32 14.01 4.50 -2.76
C PHE A 32 15.03 3.43 -3.07
N GLY A 33 14.80 2.71 -4.18
CA GLY A 33 15.83 1.86 -4.73
C GLY A 33 16.92 2.67 -5.40
N MET A 34 18.09 2.08 -5.50
CA MET A 34 19.27 2.79 -5.97
C MET A 34 19.94 2.00 -7.09
N HIS A 35 20.61 2.74 -7.98
CA HIS A 35 21.27 2.17 -9.14
C HIS A 35 22.69 2.69 -9.25
N TRP A 36 23.53 1.91 -9.93
CA TRP A 36 24.83 2.35 -10.42
C TRP A 36 24.83 2.16 -11.93
N VAL A 37 25.22 3.20 -12.66
CA VAL A 37 25.27 3.18 -14.12
C VAL A 37 26.61 3.73 -14.56
N ARG A 38 27.29 3.02 -15.44
CA ARG A 38 28.60 3.43 -15.91
C ARG A 38 28.54 3.93 -17.34
N GLN A 39 29.63 4.56 -17.77
CA GLN A 39 29.76 5.03 -19.14
C GLN A 39 31.24 5.13 -19.46
N ALA A 40 31.73 4.21 -20.30
CA ALA A 40 33.12 4.25 -20.73
C ALA A 40 33.37 5.55 -21.52
N PRO A 41 34.64 5.97 -21.63
CA PRO A 41 34.94 7.21 -22.36
C PRO A 41 34.39 7.24 -23.78
N GLU A 42 33.50 8.21 -24.04
CA GLU A 42 32.85 8.40 -25.34
C GLU A 42 32.13 7.14 -25.80
N LYS A 43 31.40 6.51 -24.89
CA LYS A 43 30.57 5.37 -25.19
C LYS A 43 29.19 5.61 -24.59
N GLY A 44 28.30 4.63 -24.75
CA GLY A 44 26.95 4.74 -24.24
C GLY A 44 26.85 4.39 -22.77
N LEU A 45 25.64 4.54 -22.25
CA LEU A 45 25.37 4.25 -20.85
C LEU A 45 25.19 2.75 -20.66
N GLU A 46 25.67 2.24 -19.51
CA GLU A 46 25.59 0.82 -19.20
C GLU A 46 25.16 0.66 -17.76
N TRP A 47 23.98 0.05 -17.56
CA TRP A 47 23.49 -0.18 -16.21
C TRP A 47 24.33 -1.26 -15.53
N VAL A 48 24.65 -1.03 -14.26
CA VAL A 48 25.55 -1.90 -13.52
C VAL A 48 24.76 -2.75 -12.52
N ALA A 49 24.26 -2.11 -11.47
CA ALA A 49 23.63 -2.82 -10.36
C ALA A 49 22.45 -2.03 -9.84
N TYR A 50 21.62 -2.71 -9.06
CA TYR A 50 20.44 -2.15 -8.43
C TYR A 50 20.26 -2.77 -7.06
N ILE A 51 19.85 -1.96 -6.08
CA ILE A 51 19.51 -2.49 -4.76
C ILE A 51 18.30 -1.72 -4.23
N SER A 52 17.38 -2.46 -3.63
CA SER A 52 16.12 -1.89 -3.13
C SER A 52 16.36 -1.09 -1.86
N SER A 53 15.28 -0.42 -1.41
CA SER A 53 15.37 0.40 -0.21
C SER A 53 15.70 -0.44 1.02
N GLY A 54 15.14 -1.65 1.09
CA GLY A 54 15.42 -2.57 2.17
C GLY A 54 16.55 -3.53 1.92
N SER A 55 17.27 -3.39 0.81
CA SER A 55 18.41 -4.22 0.45
C SER A 55 18.04 -5.69 0.27
N SER A 56 16.76 -5.98 0.06
CA SER A 56 16.31 -7.35 -0.16
C SER A 56 16.25 -7.74 -1.63
N THR A 57 16.45 -6.78 -2.54
CA THR A 57 16.46 -7.05 -3.98
C THR A 57 17.72 -6.46 -4.57
N ILE A 58 18.57 -7.32 -5.12
CA ILE A 58 19.86 -6.90 -5.68
C ILE A 58 20.03 -7.54 -7.05
N TYR A 59 20.32 -6.73 -8.06
CA TYR A 59 20.59 -7.20 -9.41
C TYR A 59 21.95 -6.71 -9.86
N TYR A 60 22.64 -7.53 -10.66
CA TYR A 60 23.92 -7.16 -11.24
C TYR A 60 23.90 -7.47 -12.74
N ALA A 61 24.60 -6.65 -13.50
CA ALA A 61 24.80 -6.94 -14.91
C ALA A 61 25.73 -8.14 -15.06
N ASP A 62 25.57 -8.87 -16.16
CA ASP A 62 26.31 -10.11 -16.37
C ASP A 62 27.81 -9.86 -16.42
N THR A 63 28.24 -8.72 -16.95
CA THR A 63 29.66 -8.38 -17.07
C THR A 63 30.26 -7.88 -15.77
N VAL A 64 29.61 -8.11 -14.63
CA VAL A 64 30.02 -7.50 -13.37
C VAL A 64 29.72 -8.44 -12.21
N LYS A 65 28.74 -9.32 -12.41
CA LYS A 65 28.34 -10.27 -11.36
CA LYS A 65 28.35 -10.26 -11.36
C LYS A 65 29.54 -11.08 -10.88
N GLY A 66 29.70 -11.18 -9.56
CA GLY A 66 30.78 -11.88 -8.94
C GLY A 66 31.94 -11.00 -8.52
N ARG A 67 32.15 -9.89 -9.23
CA ARG A 67 33.24 -8.96 -8.93
C ARG A 67 32.77 -7.73 -8.14
N PHE A 68 31.61 -7.19 -8.47
CA PHE A 68 31.11 -5.99 -7.81
C PHE A 68 30.08 -6.36 -6.76
N THR A 69 29.92 -5.46 -5.78
CA THR A 69 28.96 -5.64 -4.69
C THR A 69 28.35 -4.29 -4.36
N ILE A 70 27.03 -4.18 -4.50
CA ILE A 70 26.30 -2.97 -4.19
C ILE A 70 25.68 -3.10 -2.81
N SER A 71 25.75 -2.01 -2.03
CA SER A 71 25.22 -1.99 -0.69
C SER A 71 24.87 -0.56 -0.32
N ARG A 72 24.12 -0.40 0.76
CA ARG A 72 23.66 0.91 1.19
C ARG A 72 23.64 1.00 2.70
N ASP A 73 23.66 2.23 3.21
CA ASP A 73 23.58 2.54 4.63
C ASP A 73 22.49 3.61 4.76
N ASN A 74 21.26 3.16 4.94
CA ASN A 74 20.13 4.09 4.97
C ASN A 74 20.22 5.14 6.07
N PRO A 75 20.59 4.82 7.31
CA PRO A 75 20.72 5.88 8.33
C PRO A 75 21.73 6.96 7.96
N LYS A 76 22.68 6.68 7.07
CA LYS A 76 23.68 7.64 6.66
C LYS A 76 23.47 8.15 5.23
N ASN A 77 22.41 7.69 4.56
CA ASN A 77 22.06 8.16 3.21
C ASN A 77 23.22 7.99 2.24
N THR A 78 23.88 6.84 2.30
CA THR A 78 25.07 6.58 1.49
C THR A 78 24.88 5.31 0.68
N LEU A 79 25.16 5.41 -0.61
CA LEU A 79 25.17 4.28 -1.52
C LEU A 79 26.59 3.84 -1.77
N PHE A 80 26.82 2.53 -1.79
CA PHE A 80 28.16 1.98 -1.93
C PHE A 80 28.25 1.07 -3.16
N LEU A 81 29.48 0.93 -3.67
CA LEU A 81 29.75 0.06 -4.81
C LEU A 81 31.20 -0.43 -4.66
N GLN A 82 31.36 -1.69 -4.29
CA GLN A 82 32.68 -2.29 -4.07
C GLN A 82 33.12 -3.03 -5.33
N MET A 83 34.21 -2.57 -5.94
CA MET A 83 34.75 -3.18 -7.15
C MET A 83 35.94 -4.05 -6.81
N THR A 84 36.02 -5.21 -7.45
CA THR A 84 37.15 -6.13 -7.30
C THR A 84 37.55 -6.66 -8.67
N SER A 85 38.83 -7.01 -8.80
CA SER A 85 39.39 -7.56 -10.03
C SER A 85 39.10 -6.65 -11.23
N LEU A 86 39.44 -5.38 -11.06
CA LEU A 86 39.16 -4.39 -12.10
C LEU A 86 40.08 -4.58 -13.30
N ARG A 87 39.53 -4.38 -14.49
CA ARG A 87 40.29 -4.38 -15.74
C ARG A 87 40.10 -3.04 -16.44
N SER A 88 40.85 -2.86 -17.54
CA SER A 88 40.80 -1.59 -18.25
C SER A 88 39.41 -1.29 -18.81
N GLU A 89 38.66 -2.34 -19.15
CA GLU A 89 37.30 -2.13 -19.66
C GLU A 89 36.33 -1.69 -18.59
N ASP A 90 36.76 -1.63 -17.33
CA ASP A 90 35.97 -1.03 -16.27
C ASP A 90 36.20 0.47 -16.16
N THR A 91 37.12 1.03 -16.96
CA THR A 91 37.34 2.47 -16.98
C THR A 91 36.09 3.19 -17.48
N ALA A 92 35.46 3.97 -16.61
CA ALA A 92 34.20 4.61 -16.95
C ALA A 92 33.87 5.68 -15.93
N MET A 93 32.95 6.56 -16.29
CA MET A 93 32.34 7.47 -15.34
C MET A 93 31.18 6.75 -14.65
N TYR A 94 31.24 6.63 -13.34
CA TYR A 94 30.28 5.86 -12.56
C TYR A 94 29.24 6.79 -11.94
N TYR A 95 27.99 6.61 -12.30
CA TYR A 95 26.88 7.39 -11.75
C TYR A 95 26.05 6.53 -10.80
N CYS A 96 25.59 7.15 -9.72
CA CYS A 96 24.51 6.59 -8.92
C CYS A 96 23.22 7.29 -9.28
N ALA A 97 22.12 6.53 -9.33
CA ALA A 97 20.88 7.04 -9.87
C ALA A 97 19.71 6.68 -8.98
N ARG A 98 18.78 7.61 -8.82
CA ARG A 98 17.51 7.39 -8.16
C ARG A 98 16.40 7.38 -9.19
N GLY A 99 15.30 6.71 -8.84
CA GLY A 99 14.16 6.64 -9.71
C GLY A 99 13.04 7.60 -9.30
N LYS A 100 12.06 7.71 -10.19
CA LYS A 100 10.83 8.45 -9.91
C LYS A 100 9.75 7.83 -10.77
N TYR A 101 8.73 7.28 -10.12
CA TYR A 101 7.67 6.58 -10.84
C TYR A 101 7.13 7.47 -11.95
N PRO A 102 6.90 6.93 -13.17
CA PRO A 102 6.96 5.50 -13.48
C PRO A 102 8.26 4.97 -14.11
N THR A 103 9.43 5.51 -13.74
CA THR A 103 10.68 5.05 -14.34
C THR A 103 11.66 4.64 -13.25
N TRP A 104 12.52 3.67 -13.59
CA TRP A 104 13.49 3.15 -12.63
C TRP A 104 14.62 4.14 -12.36
N ILE A 105 14.98 4.95 -13.35
CA ILE A 105 16.12 5.86 -13.26
C ILE A 105 15.66 7.25 -13.66
N ALA A 106 15.76 8.21 -12.74
CA ALA A 106 15.25 9.55 -13.00
C ALA A 106 16.30 10.61 -12.71
N TYR A 107 16.92 10.53 -11.54
CA TYR A 107 17.92 11.51 -11.10
C TYR A 107 19.31 10.89 -11.17
N TRP A 108 20.24 11.60 -11.80
CA TRP A 108 21.62 11.16 -11.95
C TRP A 108 22.55 12.01 -11.11
N GLY A 109 23.64 11.41 -10.66
CA GLY A 109 24.70 12.14 -10.00
C GLY A 109 25.67 12.71 -11.02
N GLN A 110 26.62 13.51 -10.51
CA GLN A 110 27.61 14.12 -11.38
C GLN A 110 28.62 13.11 -11.92
N GLY A 111 28.72 11.95 -11.30
CA GLY A 111 29.64 10.92 -11.78
C GLY A 111 31.04 11.10 -11.23
N THR A 112 31.70 9.97 -11.00
CA THR A 112 33.10 9.95 -10.58
C THR A 112 33.87 9.03 -11.53
N LEU A 113 35.02 9.50 -12.00
CA LEU A 113 35.78 8.79 -13.02
C LEU A 113 36.70 7.76 -12.36
N VAL A 114 36.70 6.56 -12.92
CA VAL A 114 37.55 5.46 -12.46
C VAL A 114 38.39 5.01 -13.64
N THR A 115 39.71 5.13 -13.51
CA THR A 115 40.65 4.71 -14.54
C THR A 115 41.43 3.51 -14.04
N VAL A 116 41.43 2.43 -14.81
CA VAL A 116 42.17 1.22 -14.49
C VAL A 116 43.39 1.19 -15.39
N SER A 117 44.55 1.50 -14.83
CA SER A 117 45.78 1.59 -15.60
C SER A 117 46.97 1.29 -14.69
N ALA A 118 48.06 0.82 -15.30
CA ALA A 118 49.27 0.54 -14.57
C ALA A 118 50.15 1.77 -14.37
N ALA A 119 49.80 2.90 -15.00
CA ALA A 119 50.58 4.12 -14.85
C ALA A 119 50.41 4.67 -13.44
N LYS A 120 51.21 5.69 -13.13
CA LYS A 120 51.22 6.29 -11.80
C LYS A 120 50.61 7.68 -11.83
N THR A 121 50.08 8.10 -10.68
CA THR A 121 49.49 9.43 -10.56
C THR A 121 50.59 10.49 -10.66
N THR A 122 50.36 11.49 -11.50
CA THR A 122 51.33 12.56 -11.72
C THR A 122 50.64 13.91 -11.60
N PRO A 123 51.16 14.81 -10.77
CA PRO A 123 50.56 16.15 -10.66
C PRO A 123 50.82 16.95 -11.93
N PRO A 124 50.01 17.97 -12.20
CA PRO A 124 50.19 18.77 -13.41
C PRO A 124 51.07 20.00 -13.18
N SER A 125 51.66 20.46 -14.28
CA SER A 125 52.38 21.73 -14.32
C SER A 125 51.52 22.72 -15.07
N VAL A 126 51.15 23.81 -14.41
CA VAL A 126 50.22 24.79 -14.95
C VAL A 126 50.98 26.07 -15.28
N TYR A 127 50.72 26.62 -16.46
CA TYR A 127 51.43 27.81 -16.94
C TYR A 127 50.45 28.85 -17.47
N PRO A 128 50.68 30.12 -17.13
CA PRO A 128 49.91 31.18 -17.77
C PRO A 128 50.29 31.34 -19.23
N LEU A 129 49.33 31.79 -20.03
CA LEU A 129 49.54 32.00 -21.48
C LEU A 129 48.97 33.37 -21.83
N ALA A 130 49.80 34.39 -21.68
CA ALA A 130 49.47 35.76 -22.05
C ALA A 130 49.83 36.02 -23.51
N PRO A 131 49.13 36.93 -24.18
CA PRO A 131 49.46 37.23 -25.57
C PRO A 131 50.83 37.88 -25.70
N GLY A 132 51.40 37.75 -26.89
CA GLY A 132 52.70 38.32 -27.17
C GLY A 132 52.66 39.83 -27.27
N SER A 133 53.76 40.38 -27.76
CA SER A 133 53.89 41.84 -27.92
C SER A 133 53.34 42.28 -29.27
N ALA A 134 52.05 41.98 -29.47
CA ALA A 134 51.37 42.32 -30.71
C ALA A 134 49.86 42.24 -30.49
N ALA A 135 49.15 43.31 -30.82
CA ALA A 135 47.70 43.33 -30.68
C ALA A 135 47.03 43.65 -32.01
N ASN A 138 42.64 43.60 -30.63
CA ASN A 138 41.38 44.21 -31.03
C ASN A 138 40.48 44.45 -29.82
N SER A 139 39.16 44.35 -30.05
CA SER A 139 38.21 44.57 -28.96
C SER A 139 38.26 43.45 -27.92
N MET A 140 38.54 42.23 -28.35
CA MET A 140 38.61 41.08 -27.45
C MET A 140 40.04 40.56 -27.40
N VAL A 141 40.46 40.12 -26.21
CA VAL A 141 41.79 39.57 -26.00
C VAL A 141 41.64 38.17 -25.41
N THR A 142 42.37 37.21 -25.96
CA THR A 142 42.27 35.81 -25.56
C THR A 142 43.46 35.45 -24.67
N LEU A 143 43.16 34.88 -23.51
CA LEU A 143 44.15 34.38 -22.58
C LEU A 143 44.11 32.85 -22.57
N GLY A 144 45.20 32.25 -22.07
CA GLY A 144 45.31 30.81 -22.07
C GLY A 144 45.86 30.29 -20.74
N CYS A 145 45.80 28.97 -20.61
CA CYS A 145 46.28 28.30 -19.39
C CYS A 145 46.64 26.87 -19.77
N LEU A 146 47.91 26.51 -19.63
CA LEU A 146 48.41 25.22 -20.09
C LEU A 146 48.56 24.27 -18.90
N VAL A 147 47.91 23.11 -18.98
CA VAL A 147 47.98 22.08 -17.96
C VAL A 147 48.67 20.87 -18.59
N LYS A 148 49.90 20.60 -18.15
CA LYS A 148 50.79 19.68 -18.86
C LYS A 148 51.26 18.56 -17.95
N GLY A 149 51.31 17.35 -18.51
CA GLY A 149 51.94 16.21 -17.88
C GLY A 149 51.30 15.72 -16.59
N TYR A 150 50.03 15.37 -16.65
CA TYR A 150 49.32 14.85 -15.48
C TYR A 150 48.65 13.53 -15.82
N PHE A 151 48.35 12.77 -14.77
CA PHE A 151 47.65 11.49 -14.86
C PHE A 151 47.13 11.13 -13.47
N PRO A 152 45.91 10.58 -13.36
CA PRO A 152 44.99 10.35 -14.47
C PRO A 152 44.00 11.48 -14.66
N GLU A 153 43.03 11.26 -15.56
CA GLU A 153 41.93 12.19 -15.70
C GLU A 153 41.04 12.14 -14.46
N PRO A 154 40.30 13.22 -14.16
CA PRO A 154 40.29 14.48 -14.90
C PRO A 154 40.94 15.64 -14.14
N VAL A 155 40.92 16.81 -14.78
CA VAL A 155 41.22 18.08 -14.14
C VAL A 155 40.07 19.02 -14.41
N THR A 156 39.81 19.93 -13.48
CA THR A 156 38.77 20.93 -13.64
C THR A 156 39.41 22.31 -13.68
N VAL A 157 39.20 23.02 -14.78
CA VAL A 157 39.78 24.34 -15.00
C VAL A 157 38.67 25.37 -14.97
N THR A 158 38.81 26.38 -14.11
CA THR A 158 37.89 27.51 -14.05
C THR A 158 38.68 28.80 -14.15
N TRP A 159 37.97 29.89 -14.45
CA TRP A 159 38.57 31.22 -14.58
C TRP A 159 37.90 32.15 -13.59
N ASN A 160 38.71 32.78 -12.74
CA ASN A 160 38.22 33.69 -11.69
C ASN A 160 37.22 32.97 -10.78
N SER A 161 37.58 31.75 -10.39
CA SER A 161 36.79 30.95 -9.45
C SER A 161 35.37 30.70 -9.94
N GLY A 162 35.18 30.70 -11.26
CA GLY A 162 33.88 30.48 -11.85
C GLY A 162 33.07 31.73 -12.13
N SER A 163 33.52 32.90 -11.64
CA SER A 163 32.82 34.14 -11.92
C SER A 163 32.88 34.51 -13.40
N LEU A 164 33.88 34.01 -14.12
CA LEU A 164 34.08 34.28 -15.54
C LEU A 164 33.96 32.95 -16.26
N SER A 165 32.75 32.66 -16.76
CA SER A 165 32.47 31.39 -17.43
C SER A 165 32.10 31.52 -18.90
N SER A 166 31.47 32.63 -19.29
CA SER A 166 31.13 32.83 -20.69
C SER A 166 32.39 33.11 -21.51
N GLY A 167 32.44 32.52 -22.69
CA GLY A 167 33.60 32.67 -23.55
C GLY A 167 34.81 31.86 -23.12
N VAL A 168 34.58 30.66 -22.59
CA VAL A 168 35.65 29.80 -22.09
C VAL A 168 35.61 28.49 -22.85
N HIS A 169 36.76 28.07 -23.38
CA HIS A 169 36.92 26.77 -24.03
C HIS A 169 37.97 25.98 -23.25
N THR A 170 37.59 24.79 -22.81
CA THR A 170 38.53 23.85 -22.19
C THR A 170 38.66 22.66 -23.12
N PHE A 171 39.82 22.54 -23.77
CA PHE A 171 40.01 21.51 -24.77
C PHE A 171 40.25 20.15 -24.11
N PRO A 172 39.72 19.08 -24.67
CA PRO A 172 39.97 17.74 -24.12
C PRO A 172 41.46 17.42 -24.11
N ALA A 173 41.89 16.72 -23.07
CA ALA A 173 43.31 16.41 -22.91
C ALA A 173 43.73 15.32 -23.88
N VAL A 174 44.91 15.51 -24.48
CA VAL A 174 45.51 14.50 -25.34
C VAL A 174 46.41 13.62 -24.47
N LEU A 175 46.49 12.35 -24.83
CA LEU A 175 47.24 11.36 -24.05
C LEU A 175 48.46 10.91 -24.84
N GLN A 176 49.63 11.42 -24.45
CA GLN A 176 50.92 10.97 -24.93
C GLN A 176 51.64 10.24 -23.81
N SER A 177 52.44 9.24 -24.17
CA SER A 177 53.31 8.48 -23.27
C SER A 177 52.82 8.42 -21.83
N ASP A 178 51.54 8.08 -21.64
CA ASP A 178 50.93 7.93 -20.32
C ASP A 178 50.91 9.24 -19.53
N LEU A 179 50.75 10.37 -20.21
CA LEU A 179 50.61 11.66 -19.54
C LEU A 179 49.66 12.54 -20.34
N TYR A 180 48.72 13.19 -19.63
CA TYR A 180 47.73 14.03 -20.28
C TYR A 180 48.20 15.48 -20.33
N THR A 181 47.72 16.20 -21.34
CA THR A 181 48.02 17.61 -21.52
C THR A 181 46.84 18.30 -22.19
N LEU A 182 46.35 19.37 -21.59
CA LEU A 182 45.28 20.17 -22.18
C LEU A 182 45.60 21.65 -21.96
N SER A 183 44.75 22.50 -22.53
CA SER A 183 44.82 23.93 -22.29
C SER A 183 43.42 24.50 -22.32
N SER A 184 43.25 25.65 -21.68
CA SER A 184 41.95 26.31 -21.57
C SER A 184 42.05 27.72 -22.13
N SER A 185 41.03 28.12 -22.87
CA SER A 185 40.98 29.44 -23.49
C SER A 185 39.87 30.27 -22.87
N VAL A 186 40.12 31.57 -22.71
CA VAL A 186 39.13 32.50 -22.23
C VAL A 186 39.29 33.81 -23.01
N THR A 187 38.18 34.33 -23.53
CA THR A 187 38.19 35.54 -24.35
C THR A 187 37.45 36.62 -23.59
N VAL A 188 38.18 37.64 -23.14
CA VAL A 188 37.60 38.76 -22.40
C VAL A 188 37.74 40.02 -23.23
N PRO A 189 36.88 41.02 -23.05
CA PRO A 189 37.10 42.29 -23.73
C PRO A 189 38.38 42.95 -23.25
N SER A 190 38.99 43.74 -24.13
CA SER A 190 40.19 44.48 -23.77
C SER A 190 39.94 45.50 -22.66
N SER A 191 38.68 45.76 -22.32
CA SER A 191 38.37 46.69 -21.25
C SER A 191 38.76 46.14 -19.88
N THR A 192 38.65 44.83 -19.69
CA THR A 192 38.89 44.22 -18.39
C THR A 192 40.33 43.77 -18.22
N TRP A 193 40.87 43.05 -19.19
CA TRP A 193 42.25 42.61 -19.00
C TRP A 193 43.20 43.48 -19.79
N PRO A 194 44.36 43.87 -19.21
CA PRO A 194 44.82 43.49 -17.87
C PRO A 194 44.44 44.49 -16.78
N SER A 195 43.40 45.30 -17.03
CA SER A 195 43.00 46.30 -16.04
C SER A 195 42.54 45.64 -14.74
N GLU A 196 41.81 44.54 -14.84
CA GLU A 196 41.40 43.75 -13.69
C GLU A 196 41.92 42.33 -13.83
N THR A 197 41.97 41.62 -12.70
CA THR A 197 42.67 40.34 -12.62
C THR A 197 41.89 39.23 -13.32
N VAL A 198 42.61 38.39 -14.05
CA VAL A 198 42.08 37.15 -14.61
C VAL A 198 42.97 36.01 -14.11
N THR A 199 42.36 35.07 -13.39
CA THR A 199 43.08 33.98 -12.74
C THR A 199 42.60 32.64 -13.28
N CYS A 200 43.54 31.71 -13.47
CA CYS A 200 43.25 30.36 -13.92
C CYS A 200 43.35 29.40 -12.73
N ASN A 201 42.27 28.67 -12.48
CA ASN A 201 42.19 27.74 -11.36
C ASN A 201 42.19 26.32 -11.90
N VAL A 202 43.18 25.53 -11.49
CA VAL A 202 43.35 24.15 -11.95
C VAL A 202 43.34 23.23 -10.74
N ALA A 203 42.52 22.18 -10.80
CA ALA A 203 42.41 21.22 -9.72
C ALA A 203 42.55 19.81 -10.28
N HIS A 204 43.45 19.02 -9.68
CA HIS A 204 43.67 17.62 -10.04
C HIS A 204 43.45 16.78 -8.78
N PRO A 205 42.22 16.30 -8.56
CA PRO A 205 41.93 15.61 -7.29
C PRO A 205 42.70 14.33 -7.07
N ALA A 206 43.26 13.74 -8.12
CA ALA A 206 44.01 12.49 -7.95
C ALA A 206 45.30 12.72 -7.17
N SER A 207 45.97 13.83 -7.42
CA SER A 207 47.19 14.20 -6.71
C SER A 207 46.94 15.26 -5.65
N SER A 208 45.67 15.56 -5.36
CA SER A 208 45.30 16.63 -4.44
C SER A 208 46.04 17.93 -4.78
N THR A 209 45.90 18.33 -6.05
CA THR A 209 46.57 19.49 -6.60
C THR A 209 45.53 20.57 -6.84
N LYS A 210 45.69 21.70 -6.14
CA LYS A 210 44.92 22.91 -6.40
C LYS A 210 45.88 24.07 -6.57
N VAL A 211 45.81 24.74 -7.72
CA VAL A 211 46.73 25.82 -8.05
C VAL A 211 45.95 26.95 -8.72
N ASP A 212 46.45 28.16 -8.53
CA ASP A 212 45.91 29.35 -9.16
C ASP A 212 47.02 30.05 -9.92
N LYS A 213 46.80 30.33 -11.20
CA LYS A 213 47.78 30.97 -12.06
C LYS A 213 47.19 32.25 -12.61
N LYS A 214 47.71 33.38 -12.14
CA LYS A 214 47.26 34.67 -12.63
C LYS A 214 47.94 35.01 -13.95
N ILE A 215 47.16 35.50 -14.90
CA ILE A 215 47.66 35.82 -16.24
C ILE A 215 48.22 37.24 -16.22
N VAL A 216 49.54 37.35 -16.27
CA VAL A 216 50.23 38.64 -16.20
C VAL A 216 50.73 39.02 -17.59
N PRO A 217 50.61 40.28 -17.99
CA PRO A 217 51.16 40.71 -19.28
C PRO A 217 52.65 40.41 -19.36
N ARG A 218 53.07 39.91 -20.51
CA ARG A 218 54.46 39.46 -20.67
C ARG A 218 55.43 40.64 -20.54
N ASP A 219 56.51 40.39 -19.82
CA ASP A 219 57.52 41.42 -19.55
C ASP A 219 58.26 41.81 -20.83
N ASP B 1 18.36 -10.59 -23.16
CA ASP B 1 18.44 -9.16 -22.92
C ASP B 1 17.79 -8.37 -24.05
N ILE B 2 17.08 -7.30 -23.70
CA ILE B 2 16.41 -6.46 -24.68
C ILE B 2 17.43 -5.52 -25.31
N VAL B 3 17.46 -5.50 -26.65
CA VAL B 3 18.42 -4.69 -27.39
C VAL B 3 17.72 -3.44 -27.89
N MET B 4 18.35 -2.30 -27.71
CA MET B 4 17.83 -1.01 -28.16
C MET B 4 18.67 -0.49 -29.31
N THR B 5 18.02 -0.14 -30.42
CA THR B 5 18.69 0.34 -31.62
C THR B 5 18.15 1.72 -31.97
N GLN B 6 19.01 2.73 -31.89
CA GLN B 6 18.63 4.11 -32.21
C GLN B 6 19.17 4.48 -33.58
N SER B 7 18.36 5.22 -34.34
CA SER B 7 18.74 5.68 -35.66
C SER B 7 18.07 7.03 -35.91
N PRO B 8 18.78 7.99 -36.52
CA PRO B 8 20.18 7.86 -36.94
C PRO B 8 21.16 8.07 -35.78
N SER B 9 22.35 7.49 -35.89
CA SER B 9 23.34 7.64 -34.83
C SER B 9 23.83 9.07 -34.74
N SER B 10 23.89 9.78 -35.87
CA SER B 10 24.28 11.18 -35.89
C SER B 10 23.24 11.99 -36.65
N LEU B 11 23.19 13.29 -36.38
CA LEU B 11 22.14 14.12 -36.95
C LEU B 11 22.56 15.58 -36.87
N THR B 12 22.36 16.31 -37.97
CA THR B 12 22.74 17.72 -38.06
C THR B 12 21.55 18.53 -38.56
N VAL B 13 21.15 19.54 -37.79
CA VAL B 13 20.07 20.43 -38.16
C VAL B 13 20.49 21.88 -37.91
N THR B 14 19.83 22.79 -38.61
CA THR B 14 19.91 24.20 -38.28
C THR B 14 19.02 24.49 -37.07
N ALA B 15 19.26 25.62 -36.41
CA ALA B 15 18.46 26.00 -35.26
C ALA B 15 17.02 26.31 -35.68
N GLY B 16 16.07 25.80 -34.88
CA GLY B 16 14.68 26.11 -35.07
C GLY B 16 13.89 25.14 -35.93
N GLU B 17 14.44 23.96 -36.23
CA GLU B 17 13.80 23.01 -37.11
C GLU B 17 13.32 21.79 -36.35
N LYS B 18 12.26 21.16 -36.87
CA LYS B 18 11.72 19.96 -36.27
C LYS B 18 12.62 18.78 -36.62
N VAL B 19 12.95 17.97 -35.61
CA VAL B 19 13.81 16.81 -35.77
C VAL B 19 13.13 15.60 -35.14
N THR B 20 13.30 14.44 -35.75
CA THR B 20 12.77 13.19 -35.25
C THR B 20 13.86 12.14 -35.23
N MET B 21 13.87 11.31 -34.19
CA MET B 21 14.84 10.23 -34.06
C MET B 21 14.13 8.98 -33.57
N SER B 22 14.51 7.85 -34.15
CA SER B 22 13.85 6.57 -33.87
C SER B 22 14.61 5.77 -32.81
N CYS B 23 13.89 4.81 -32.24
CA CYS B 23 14.42 3.93 -31.21
C CYS B 23 13.59 2.65 -31.24
N LYS B 24 14.19 1.54 -31.66
CA LYS B 24 13.47 0.27 -31.72
C LYS B 24 14.06 -0.73 -30.74
N SER B 25 13.17 -1.52 -30.14
CA SER B 25 13.51 -2.55 -29.17
C SER B 25 13.38 -3.92 -29.80
N SER B 26 14.25 -4.84 -29.41
CA SER B 26 14.21 -6.19 -29.97
C SER B 26 12.95 -6.94 -29.53
N GLN B 27 12.38 -6.58 -28.38
CA GLN B 27 11.14 -7.16 -27.92
C GLN B 27 10.20 -6.04 -27.46
N SER B 28 8.93 -6.38 -27.31
CA SER B 28 7.92 -5.38 -26.99
C SER B 28 8.13 -4.83 -25.59
N LEU B 29 7.93 -3.52 -25.45
CA LEU B 29 8.04 -2.84 -24.16
C LEU B 29 6.67 -2.47 -23.58
N LEU B 30 5.58 -2.93 -24.21
CA LEU B 30 4.24 -2.59 -23.77
C LEU B 30 3.73 -3.68 -22.82
N ASN B 31 3.38 -3.27 -21.61
CA ASN B 31 2.81 -4.18 -20.61
C ASN B 31 1.29 -4.22 -20.82
N SER B 32 0.80 -5.36 -21.32
CA SER B 32 -0.62 -5.47 -21.68
C SER B 32 -1.55 -5.23 -20.50
N GLY B 33 -1.04 -5.30 -19.27
CA GLY B 33 -1.87 -5.04 -18.10
C GLY B 33 -2.32 -3.59 -18.01
N ASN B 34 -1.38 -2.68 -17.74
CA ASN B 34 -1.69 -1.27 -17.70
C ASN B 34 -1.67 -0.61 -19.07
N GLN B 35 -1.25 -1.33 -20.11
CA GLN B 35 -1.13 -0.80 -21.47
C GLN B 35 -0.20 0.40 -21.49
N LYS B 36 0.95 0.23 -20.84
CA LYS B 36 2.03 1.21 -20.78
C LYS B 36 3.24 0.67 -21.55
N ASN B 37 3.96 1.58 -22.19
CA ASN B 37 5.21 1.25 -22.87
C ASN B 37 6.38 1.71 -22.01
N TYR B 38 7.20 0.77 -21.57
CA TYR B 38 8.27 1.04 -20.60
C TYR B 38 9.53 1.53 -21.32
N LEU B 39 9.39 2.65 -22.02
CA LEU B 39 10.52 3.30 -22.67
C LEU B 39 10.80 4.64 -22.01
N THR B 40 12.09 4.97 -21.88
CA THR B 40 12.53 6.20 -21.25
C THR B 40 13.54 6.89 -22.15
N TRP B 41 13.33 8.18 -22.39
CA TRP B 41 14.26 9.00 -23.16
C TRP B 41 15.13 9.82 -22.24
N TYR B 42 16.42 9.91 -22.57
CA TYR B 42 17.38 10.70 -21.82
C TYR B 42 18.08 11.70 -22.73
N GLN B 43 18.53 12.80 -22.13
CA GLN B 43 19.34 13.80 -22.81
C GLN B 43 20.65 13.97 -22.05
N GLN B 44 21.77 13.88 -22.76
CA GLN B 44 23.08 14.06 -22.16
C GLN B 44 23.88 15.06 -22.98
N LYS B 45 23.99 16.27 -22.46
CA LYS B 45 24.86 17.31 -22.99
C LYS B 45 26.32 16.95 -22.76
N PRO B 46 27.23 17.43 -23.60
CA PRO B 46 28.65 17.13 -23.39
C PRO B 46 29.14 17.68 -22.06
N GLY B 47 29.83 16.83 -21.30
CA GLY B 47 30.37 17.20 -20.01
C GLY B 47 29.39 17.18 -18.86
N GLN B 48 28.20 16.62 -19.05
CA GLN B 48 27.15 16.63 -18.05
C GLN B 48 26.54 15.25 -17.90
N PRO B 49 25.92 14.97 -16.75
CA PRO B 49 25.22 13.69 -16.58
C PRO B 49 23.98 13.62 -17.45
N PRO B 50 23.42 12.42 -17.65
CA PRO B 50 22.16 12.33 -18.40
C PRO B 50 21.03 12.98 -17.63
N LYS B 51 20.03 13.46 -18.38
CA LYS B 51 18.87 14.11 -17.81
C LYS B 51 17.59 13.42 -18.29
N LEU B 52 16.67 13.18 -17.37
CA LEU B 52 15.40 12.54 -17.70
C LEU B 52 14.58 13.45 -18.62
N LEU B 53 14.09 12.88 -19.72
CA LEU B 53 13.20 13.59 -20.64
C LEU B 53 11.79 13.04 -20.60
N ILE B 54 11.60 11.78 -21.01
CA ILE B 54 10.28 11.18 -21.15
C ILE B 54 10.24 9.87 -20.39
N SER B 55 9.15 9.64 -19.66
CA SER B 55 8.86 8.37 -19.03
C SER B 55 7.60 7.78 -19.65
N TRP B 56 7.54 6.45 -19.69
CA TRP B 56 6.41 5.72 -20.26
C TRP B 56 6.11 6.22 -21.68
N ALA B 57 7.18 6.34 -22.48
CA ALA B 57 7.12 6.64 -23.91
C ALA B 57 6.66 8.06 -24.23
N SER B 58 5.70 8.60 -23.49
CA SER B 58 5.09 9.87 -23.87
C SER B 58 4.93 10.88 -22.74
N THR B 59 5.28 10.55 -21.50
CA THR B 59 5.06 11.44 -20.37
C THR B 59 6.33 12.24 -20.10
N ARG B 60 6.23 13.56 -20.26
CA ARG B 60 7.35 14.45 -19.99
C ARG B 60 7.50 14.67 -18.49
N ASP B 61 8.74 14.77 -18.03
CA ASP B 61 9.01 15.08 -16.64
C ASP B 61 8.74 16.55 -16.36
N SER B 62 8.71 16.91 -15.08
CA SER B 62 8.52 18.30 -14.69
C SER B 62 9.72 19.13 -15.14
N GLY B 63 9.45 20.28 -15.75
CA GLY B 63 10.48 21.16 -16.24
C GLY B 63 10.89 20.94 -17.67
N VAL B 64 10.58 19.78 -18.25
CA VAL B 64 10.93 19.53 -19.65
C VAL B 64 10.02 20.34 -20.55
N PRO B 65 10.55 21.11 -21.50
CA PRO B 65 9.69 21.95 -22.35
C PRO B 65 8.79 21.11 -23.24
N ASP B 66 7.79 21.78 -23.81
CA ASP B 66 6.85 21.14 -24.72
C ASP B 66 7.50 20.72 -26.03
N ARG B 67 8.70 21.24 -26.33
CA ARG B 67 9.35 20.92 -27.60
C ARG B 67 9.69 19.44 -27.69
N PHE B 68 10.04 18.81 -26.57
CA PHE B 68 10.40 17.39 -26.55
C PHE B 68 9.13 16.57 -26.42
N THR B 69 8.89 15.68 -27.39
CA THR B 69 7.68 14.87 -27.42
C THR B 69 8.05 13.44 -27.78
N GLY B 70 7.69 12.50 -26.92
CA GLY B 70 7.89 11.09 -27.17
C GLY B 70 6.59 10.43 -27.58
N SER B 71 6.69 9.46 -28.49
CA SER B 71 5.51 8.76 -29.00
C SER B 71 5.92 7.35 -29.41
N GLY B 72 4.93 6.58 -29.84
CA GLY B 72 5.14 5.21 -30.28
C GLY B 72 4.64 4.21 -29.25
N SER B 73 4.72 2.95 -29.64
CA SER B 73 4.30 1.85 -28.78
C SER B 73 4.94 0.56 -29.30
N GLY B 74 4.78 -0.50 -28.53
CA GLY B 74 5.30 -1.80 -28.91
C GLY B 74 6.81 -1.84 -28.99
N THR B 75 7.35 -1.76 -30.21
CA THR B 75 8.77 -1.81 -30.44
C THR B 75 9.32 -0.60 -31.20
N ASP B 76 8.46 0.30 -31.68
N ASP B 76 8.46 0.28 -31.69
CA ASP B 76 8.88 1.47 -32.44
CA ASP B 76 8.88 1.46 -32.43
C ASP B 76 8.53 2.72 -31.65
C ASP B 76 8.53 2.72 -31.64
N PHE B 77 9.53 3.57 -31.42
CA PHE B 77 9.34 4.78 -30.63
C PHE B 77 10.09 5.93 -31.29
N THR B 78 9.60 7.14 -31.06
CA THR B 78 10.14 8.34 -31.70
C THR B 78 10.17 9.49 -30.70
N LEU B 79 11.28 10.21 -30.66
CA LEU B 79 11.41 11.44 -29.89
C LEU B 79 11.46 12.61 -30.87
N THR B 80 10.50 13.52 -30.75
CA THR B 80 10.40 14.68 -31.62
C THR B 80 10.81 15.93 -30.86
N ILE B 81 11.69 16.72 -31.46
CA ILE B 81 12.12 18.00 -30.89
C ILE B 81 11.78 19.07 -31.92
N SER B 82 10.67 19.77 -31.71
CA SER B 82 10.29 20.87 -32.58
C SER B 82 11.00 22.15 -32.15
N SER B 83 11.45 22.93 -33.14
CA SER B 83 12.16 24.19 -32.91
C SER B 83 13.40 23.95 -32.04
N VAL B 84 14.37 23.27 -32.64
CA VAL B 84 15.60 22.92 -31.92
C VAL B 84 16.39 24.19 -31.63
N GLN B 85 16.77 24.36 -30.37
CA GLN B 85 17.64 25.46 -29.98
C GLN B 85 19.10 25.00 -30.01
N ALA B 86 20.01 25.98 -29.96
CA ALA B 86 21.43 25.67 -29.90
C ALA B 86 21.80 24.90 -28.63
N GLU B 87 21.00 25.05 -27.57
CA GLU B 87 21.24 24.36 -26.31
C GLU B 87 20.81 22.90 -26.35
N ASP B 88 20.11 22.48 -27.38
CA ASP B 88 19.70 21.09 -27.51
C ASP B 88 20.82 20.19 -28.03
N LEU B 89 22.00 20.76 -28.30
CA LEU B 89 23.19 20.00 -28.66
C LEU B 89 23.50 18.99 -27.57
N ALA B 90 23.26 17.71 -27.84
CA ALA B 90 23.43 16.65 -26.84
C ALA B 90 23.35 15.31 -27.54
N VAL B 91 23.50 14.24 -26.75
CA VAL B 91 23.26 12.87 -27.19
C VAL B 91 21.99 12.38 -26.50
N TYR B 92 21.07 11.84 -27.29
CA TYR B 92 19.76 11.44 -26.79
C TYR B 92 19.68 9.92 -26.74
N TYR B 93 19.54 9.38 -25.53
CA TYR B 93 19.46 7.95 -25.30
C TYR B 93 18.03 7.54 -24.99
N CYS B 94 17.62 6.41 -25.56
CA CYS B 94 16.39 5.73 -25.15
C CYS B 94 16.75 4.49 -24.36
N GLN B 95 15.97 4.18 -23.33
CA GLN B 95 16.30 3.12 -22.40
C GLN B 95 15.14 2.16 -22.26
N ASN B 96 15.45 0.86 -22.28
CA ASN B 96 14.47 -0.16 -21.92
C ASN B 96 14.24 -0.14 -20.42
N ASP B 97 13.01 0.14 -20.02
CA ASP B 97 12.62 0.15 -18.61
C ASP B 97 11.62 -0.95 -18.29
N TYR B 98 11.53 -1.97 -19.14
CA TYR B 98 10.51 -3.01 -18.98
C TYR B 98 10.97 -4.09 -18.01
N SER B 99 12.11 -4.70 -18.29
CA SER B 99 12.62 -5.78 -17.45
C SER B 99 14.13 -5.61 -17.27
N TYR B 100 14.68 -6.37 -16.31
CA TYR B 100 16.11 -6.35 -16.04
C TYR B 100 16.83 -7.40 -16.90
N PRO B 101 18.03 -7.11 -17.39
CA PRO B 101 18.81 -5.88 -17.19
C PRO B 101 18.24 -4.69 -17.96
N LEU B 102 18.31 -3.49 -17.37
CA LEU B 102 17.89 -2.29 -18.08
C LEU B 102 18.97 -1.89 -19.08
N THR B 103 18.57 -1.76 -20.34
CA THR B 103 19.51 -1.53 -21.43
C THR B 103 19.23 -0.18 -22.08
N PHE B 104 20.29 0.48 -22.53
CA PHE B 104 20.21 1.74 -23.24
C PHE B 104 20.50 1.52 -24.72
N GLY B 105 20.19 2.55 -25.52
CA GLY B 105 20.58 2.55 -26.91
C GLY B 105 21.93 3.21 -27.12
N ALA B 106 22.43 3.09 -28.35
CA ALA B 106 23.70 3.71 -28.69
C ALA B 106 23.63 5.23 -28.62
N GLY B 107 22.44 5.81 -28.71
CA GLY B 107 22.27 7.24 -28.59
C GLY B 107 22.31 7.97 -29.92
N THR B 108 21.37 8.89 -30.11
CA THR B 108 21.34 9.75 -31.29
C THR B 108 21.96 11.09 -30.90
N LYS B 109 23.09 11.41 -31.51
CA LYS B 109 23.81 12.64 -31.23
C LYS B 109 23.27 13.76 -32.12
N LEU B 110 22.73 14.80 -31.50
CA LEU B 110 22.17 15.94 -32.23
C LEU B 110 23.25 16.99 -32.42
N GLU B 111 23.62 17.25 -33.67
CA GLU B 111 24.57 18.29 -34.01
C GLU B 111 23.84 19.44 -34.69
N LEU B 112 24.45 20.62 -34.66
CA LEU B 112 23.80 21.84 -35.12
C LEU B 112 24.56 22.47 -36.26
N LYS B 113 23.81 23.02 -37.21
CA LYS B 113 24.34 23.66 -38.41
C LYS B 113 24.08 25.15 -38.34
N ARG B 114 25.09 25.95 -38.66
CA ARG B 114 24.96 27.39 -38.63
C ARG B 114 25.71 27.99 -39.81
N ALA B 115 25.79 29.31 -39.85
CA ALA B 115 26.52 29.99 -40.90
C ALA B 115 28.03 29.86 -40.67
N ASP B 116 28.78 29.90 -41.77
CA ASP B 116 30.22 29.70 -41.70
C ASP B 116 30.87 30.85 -40.94
N ALA B 117 31.77 30.50 -40.02
CA ALA B 117 32.48 31.47 -39.20
C ALA B 117 33.99 31.25 -39.36
N ALA B 118 34.72 32.36 -39.48
CA ALA B 118 36.16 32.28 -39.62
C ALA B 118 36.82 32.10 -38.25
N PRO B 119 37.96 31.41 -38.20
CA PRO B 119 38.62 31.18 -36.91
C PRO B 119 39.29 32.45 -36.40
N THR B 120 39.27 32.62 -35.08
CA THR B 120 40.03 33.66 -34.41
C THR B 120 41.31 33.02 -33.89
N VAL B 121 42.43 33.33 -34.55
CA VAL B 121 43.71 32.67 -34.29
C VAL B 121 44.54 33.54 -33.37
N SER B 122 45.08 32.93 -32.31
CA SER B 122 45.97 33.59 -31.37
C SER B 122 47.06 32.63 -30.97
N ILE B 123 48.31 33.05 -31.10
CA ILE B 123 49.47 32.21 -30.82
C ILE B 123 50.15 32.74 -29.56
N PHE B 124 50.69 31.81 -28.76
CA PHE B 124 51.30 32.16 -27.48
C PHE B 124 52.70 31.54 -27.44
N PRO B 125 53.75 32.34 -27.27
CA PRO B 125 55.08 31.77 -27.02
C PRO B 125 55.10 31.04 -25.69
N PRO B 126 56.06 30.16 -25.46
CA PRO B 126 56.18 29.53 -24.15
C PRO B 126 56.37 30.56 -23.06
N SER B 127 55.66 30.36 -21.95
CA SER B 127 55.70 31.33 -20.86
C SER B 127 57.07 31.35 -20.19
N SER B 128 57.35 32.44 -19.48
CA SER B 128 58.60 32.54 -18.74
C SER B 128 58.66 31.50 -17.63
N GLU B 129 57.50 31.10 -17.10
CA GLU B 129 57.49 30.05 -16.08
C GLU B 129 57.84 28.69 -16.67
N GLN B 130 57.43 28.42 -17.92
CA GLN B 130 57.75 27.14 -18.54
C GLN B 130 59.20 27.08 -18.99
N LEU B 131 59.71 28.18 -19.56
CA LEU B 131 61.12 28.22 -19.93
C LEU B 131 62.01 28.06 -18.71
N THR B 132 61.66 28.73 -17.60
CA THR B 132 62.43 28.57 -16.38
C THR B 132 62.35 27.15 -15.85
N SER B 133 61.18 26.50 -16.02
CA SER B 133 61.03 25.12 -15.59
C SER B 133 61.82 24.15 -16.45
N GLY B 134 62.24 24.56 -17.65
CA GLY B 134 63.04 23.72 -18.52
C GLY B 134 62.34 23.22 -19.76
N GLY B 135 61.06 23.54 -19.95
CA GLY B 135 60.30 23.12 -21.11
C GLY B 135 59.99 24.26 -22.06
N ALA B 136 59.37 23.88 -23.18
CA ALA B 136 59.01 24.86 -24.21
C ALA B 136 57.84 24.31 -25.00
N SER B 137 56.68 24.97 -24.90
CA SER B 137 55.50 24.58 -25.66
C SER B 137 54.91 25.82 -26.32
N VAL B 138 54.58 25.69 -27.60
CA VAL B 138 53.99 26.77 -28.38
C VAL B 138 52.53 26.42 -28.62
N VAL B 139 51.63 27.25 -28.10
CA VAL B 139 50.19 26.97 -28.14
C VAL B 139 49.53 27.92 -29.12
N CYS B 140 48.66 27.39 -29.98
CA CYS B 140 47.92 28.15 -30.97
C CYS B 140 46.43 27.87 -30.78
N PHE B 141 45.66 28.93 -30.58
CA PHE B 141 44.22 28.81 -30.36
C PHE B 141 43.47 29.18 -31.62
N LEU B 142 42.56 28.30 -32.04
CA LEU B 142 41.69 28.51 -33.21
C LEU B 142 40.26 28.47 -32.67
N ASN B 143 39.70 29.63 -32.36
CA ASN B 143 38.45 29.73 -31.60
C ASN B 143 37.30 30.19 -32.49
N ASN B 144 36.13 29.60 -32.24
CA ASN B 144 34.85 30.06 -32.78
C ASN B 144 34.86 30.08 -34.30
N PHE B 145 35.03 28.90 -34.89
CA PHE B 145 34.98 28.73 -36.32
C PHE B 145 33.93 27.69 -36.68
N TYR B 146 33.53 27.71 -37.95
CA TYR B 146 32.57 26.76 -38.50
C TYR B 146 32.66 26.83 -40.01
N PRO B 147 32.61 25.70 -40.74
CA PRO B 147 32.49 24.28 -40.36
C PRO B 147 33.59 23.74 -39.45
N LYS B 148 33.47 22.46 -39.09
CA LYS B 148 34.36 21.88 -38.09
C LYS B 148 35.76 21.63 -38.65
N ASP B 149 35.85 21.16 -39.89
CA ASP B 149 37.14 20.77 -40.45
C ASP B 149 38.06 21.97 -40.61
N ILE B 150 39.31 21.79 -40.19
CA ILE B 150 40.30 22.85 -40.26
C ILE B 150 41.67 22.21 -40.12
N ASN B 151 42.66 22.79 -40.78
CA ASN B 151 44.03 22.30 -40.73
C ASN B 151 44.95 23.39 -40.20
N VAL B 152 45.86 23.00 -39.32
CA VAL B 152 46.86 23.90 -38.76
C VAL B 152 48.24 23.44 -39.22
N LYS B 153 49.09 24.40 -39.55
CA LYS B 153 50.44 24.12 -40.01
C LYS B 153 51.43 24.93 -39.20
N TRP B 154 52.40 24.26 -38.60
CA TRP B 154 53.45 24.92 -37.84
C TRP B 154 54.69 25.09 -38.71
N LYS B 155 55.29 26.28 -38.64
CA LYS B 155 56.52 26.57 -39.35
C LYS B 155 57.50 27.27 -38.42
N ILE B 156 58.76 26.84 -38.48
CA ILE B 156 59.83 27.40 -37.67
C ILE B 156 60.86 27.99 -38.62
N ASP B 157 60.91 29.32 -38.69
CA ASP B 157 61.81 30.03 -39.60
C ASP B 157 61.57 29.64 -41.06
N GLY B 158 60.30 29.49 -41.42
CA GLY B 158 59.92 29.19 -42.79
C GLY B 158 59.87 27.72 -43.14
N SER B 159 60.26 26.83 -42.22
CA SER B 159 60.27 25.40 -42.47
C SER B 159 59.15 24.74 -41.69
N GLU B 160 58.34 23.93 -42.38
CA GLU B 160 57.20 23.31 -41.74
C GLU B 160 57.64 22.30 -40.68
N ARG B 161 56.96 22.34 -39.54
CA ARG B 161 57.24 21.45 -38.42
C ARG B 161 56.04 20.54 -38.17
N GLN B 162 56.28 19.24 -38.14
CA GLN B 162 55.22 18.25 -37.98
C GLN B 162 55.31 17.48 -36.66
N ASN B 163 56.49 16.98 -36.32
CA ASN B 163 56.63 16.21 -35.08
C ASN B 163 56.56 17.12 -33.87
N GLY B 164 55.97 16.60 -32.80
CA GLY B 164 55.75 17.40 -31.60
C GLY B 164 54.51 18.24 -31.63
N VAL B 165 53.57 17.96 -32.53
CA VAL B 165 52.34 18.72 -32.68
C VAL B 165 51.17 17.81 -32.31
N LEU B 166 50.32 18.28 -31.40
CA LEU B 166 49.14 17.54 -30.97
C LEU B 166 47.94 18.48 -30.98
N ASN B 167 46.87 18.08 -31.67
CA ASN B 167 45.68 18.89 -31.81
C ASN B 167 44.56 18.36 -30.93
N SER B 168 43.61 19.24 -30.61
CA SER B 168 42.49 18.88 -29.75
C SER B 168 41.31 19.78 -30.07
N TRP B 169 40.18 19.18 -30.47
CA TRP B 169 38.97 19.92 -30.79
C TRP B 169 38.02 19.92 -29.60
N THR B 170 37.29 21.03 -29.44
CA THR B 170 36.21 21.11 -28.48
C THR B 170 34.99 20.34 -28.98
N ASP B 171 34.05 20.12 -28.07
CA ASP B 171 32.70 19.79 -28.50
C ASP B 171 32.04 21.05 -29.06
N GLN B 172 30.92 20.86 -29.75
CA GLN B 172 30.22 22.01 -30.32
C GLN B 172 29.68 22.90 -29.21
N ASP B 173 29.86 24.21 -29.38
CA ASP B 173 29.39 25.15 -28.37
C ASP B 173 27.87 25.17 -28.34
N SER B 174 27.31 25.18 -27.13
CA SER B 174 25.88 25.08 -26.94
C SER B 174 25.17 26.44 -27.00
N LYS B 175 25.88 27.50 -27.33
CA LYS B 175 25.28 28.83 -27.42
C LYS B 175 25.42 29.50 -28.77
N ASP B 176 26.54 29.29 -29.47
CA ASP B 176 26.71 29.84 -30.82
C ASP B 176 27.06 28.78 -31.85
N SER B 177 27.08 27.51 -31.48
CA SER B 177 27.22 26.38 -32.41
C SER B 177 28.55 26.41 -33.16
N THR B 178 29.57 27.01 -32.58
CA THR B 178 30.88 27.05 -33.20
C THR B 178 31.79 25.96 -32.63
N TYR B 179 32.93 25.78 -33.28
CA TYR B 179 33.94 24.83 -32.84
C TYR B 179 35.25 25.57 -32.54
N SER B 180 36.10 24.90 -31.76
CA SER B 180 37.41 25.44 -31.42
C SER B 180 38.40 24.30 -31.33
N MET B 181 39.63 24.56 -31.77
CA MET B 181 40.71 23.57 -31.70
C MET B 181 41.98 24.24 -31.23
N SER B 182 42.82 23.48 -30.55
CA SER B 182 44.08 23.97 -30.02
C SER B 182 45.24 23.17 -30.58
N SER B 183 46.29 23.86 -31.01
CA SER B 183 47.48 23.23 -31.56
C SER B 183 48.65 23.55 -30.64
N THR B 184 49.32 22.51 -30.14
CA THR B 184 50.42 22.66 -29.20
C THR B 184 51.67 22.04 -29.80
N LEU B 185 52.70 22.87 -30.01
CA LEU B 185 53.99 22.43 -30.50
C LEU B 185 54.94 22.30 -29.33
N THR B 186 55.39 21.08 -29.05
CA THR B 186 56.26 20.79 -27.92
C THR B 186 57.68 20.56 -28.43
N LEU B 187 58.63 21.34 -27.92
CA LEU B 187 60.04 21.17 -28.22
C LEU B 187 60.83 21.26 -26.92
N THR B 188 62.08 20.82 -26.97
CA THR B 188 62.97 21.05 -25.85
C THR B 188 63.31 22.53 -25.76
N LYS B 189 63.65 22.96 -24.55
CA LYS B 189 63.96 24.38 -24.36
C LYS B 189 65.18 24.79 -25.17
N ASP B 190 66.18 23.91 -25.25
CA ASP B 190 67.32 24.16 -26.13
C ASP B 190 66.84 24.33 -27.57
N GLU B 191 66.11 23.36 -28.09
CA GLU B 191 65.61 23.40 -29.46
C GLU B 191 64.86 24.69 -29.76
N TYR B 192 64.09 25.20 -28.78
CA TYR B 192 63.29 26.39 -29.02
C TYR B 192 64.16 27.65 -29.10
N GLU B 193 65.23 27.70 -28.33
CA GLU B 193 66.06 28.90 -28.26
C GLU B 193 67.03 29.03 -29.42
N ARG B 194 67.17 27.99 -30.25
CA ARG B 194 68.02 28.06 -31.42
C ARG B 194 67.25 28.45 -32.67
N HIS B 195 66.03 28.94 -32.49
CA HIS B 195 65.23 29.44 -33.60
C HIS B 195 64.52 30.71 -33.14
N ASN B 196 64.02 31.46 -34.12
CA ASN B 196 63.46 32.79 -33.85
C ASN B 196 62.00 32.92 -34.24
N SER B 197 61.62 32.48 -35.44
CA SER B 197 60.29 32.71 -35.97
C SER B 197 59.43 31.47 -35.79
N TYR B 198 58.21 31.66 -35.29
CA TYR B 198 57.24 30.57 -35.11
C TYR B 198 55.88 31.06 -35.57
N THR B 199 55.28 30.35 -36.51
CA THR B 199 53.97 30.69 -37.05
C THR B 199 53.09 29.45 -37.06
N CYS B 200 51.82 29.62 -36.69
CA CYS B 200 50.80 28.60 -36.88
C CYS B 200 49.78 29.13 -37.87
N GLU B 201 49.60 28.41 -38.98
CA GLU B 201 48.72 28.83 -40.07
C GLU B 201 47.45 27.99 -40.05
N ALA B 202 46.31 28.65 -39.92
CA ALA B 202 45.02 27.99 -39.92
C ALA B 202 44.39 28.14 -41.30
N THR B 203 44.30 27.02 -42.04
CA THR B 203 43.62 27.01 -43.33
C THR B 203 42.19 26.51 -43.08
N HIS B 204 41.21 27.33 -43.44
CA HIS B 204 39.82 27.00 -43.19
C HIS B 204 39.02 27.35 -44.43
N LYS B 205 37.96 26.56 -44.69
CA LYS B 205 37.20 26.70 -45.92
C LYS B 205 36.58 28.09 -46.08
N THR B 206 36.55 28.90 -45.02
CA THR B 206 36.11 30.28 -45.14
C THR B 206 37.07 31.14 -45.94
N SER B 207 38.27 30.65 -46.23
CA SER B 207 39.25 31.41 -47.01
C SER B 207 40.13 30.43 -47.78
N THR B 208 40.86 30.99 -48.75
CA THR B 208 41.92 30.23 -49.41
C THR B 208 43.30 30.61 -48.88
N SER B 209 43.54 31.88 -48.63
CA SER B 209 44.75 32.29 -47.93
C SER B 209 44.60 31.97 -46.44
N PRO B 210 45.56 31.29 -45.84
CA PRO B 210 45.41 30.89 -44.43
C PRO B 210 45.43 32.10 -43.50
N ILE B 211 45.08 31.84 -42.24
CA ILE B 211 45.18 32.82 -41.17
C ILE B 211 46.51 32.57 -40.45
N VAL B 212 47.39 33.56 -40.47
CA VAL B 212 48.76 33.41 -39.99
C VAL B 212 48.96 34.28 -38.76
N LYS B 213 49.46 33.68 -37.69
CA LYS B 213 49.85 34.39 -36.48
C LYS B 213 51.29 34.03 -36.15
N SER B 214 52.12 35.04 -35.91
CA SER B 214 53.55 34.85 -35.76
C SER B 214 54.07 35.64 -34.56
N PHE B 215 55.24 35.22 -34.07
CA PHE B 215 55.98 35.96 -33.06
C PHE B 215 57.46 35.70 -33.29
N ASN B 216 58.31 36.31 -32.45
CA ASN B 216 59.75 36.22 -32.67
C ASN B 216 60.46 36.37 -31.32
N ARG B 217 60.83 35.23 -30.73
CA ARG B 217 61.80 35.16 -29.63
C ARG B 217 62.02 33.71 -29.20
N GLY C 32 -5.19 -20.17 -19.66
CA GLY C 32 -5.40 -21.03 -18.51
C GLY C 32 -4.63 -20.57 -17.29
N GLU C 33 -3.46 -20.00 -17.51
CA GLU C 33 -2.59 -19.51 -16.44
C GLU C 33 -2.65 -17.99 -16.41
N LEU C 34 -3.49 -17.45 -15.54
CA LEU C 34 -3.54 -16.01 -15.30
C LEU C 34 -2.82 -15.62 -14.01
N TYR C 35 -2.10 -16.57 -13.40
CA TYR C 35 -1.21 -16.24 -12.29
C TYR C 35 -0.10 -15.29 -12.76
N GLN C 36 0.22 -15.35 -14.06
CA GLN C 36 1.16 -14.43 -14.68
C GLN C 36 0.83 -12.97 -14.42
N ARG C 37 -0.46 -12.62 -14.45
CA ARG C 37 -0.85 -11.22 -14.35
C ARG C 37 -0.79 -10.73 -12.91
N TRP C 38 -1.04 -11.62 -11.95
CA TRP C 38 -1.06 -11.22 -10.54
C TRP C 38 0.34 -10.92 -10.04
N GLU C 39 1.34 -11.70 -10.48
CA GLU C 39 2.72 -11.43 -10.08
C GLU C 39 3.26 -10.18 -10.77
N HIS C 40 2.87 -9.95 -12.02
CA HIS C 40 3.23 -8.71 -12.70
C HIS C 40 2.58 -7.51 -12.02
N TYR C 41 1.32 -7.66 -11.60
CA TYR C 41 0.63 -6.57 -10.93
C TYR C 41 1.29 -6.23 -9.60
N GLY C 42 1.76 -7.26 -8.88
CA GLY C 42 2.36 -7.02 -7.57
C GLY C 42 3.72 -6.37 -7.67
N GLN C 43 4.54 -6.77 -8.64
CA GLN C 43 5.87 -6.20 -8.75
C GLN C 43 5.86 -4.82 -9.39
N GLU C 44 4.86 -4.52 -10.22
CA GLU C 44 4.66 -3.14 -10.64
C GLU C 44 4.32 -2.26 -9.45
N CYS C 45 3.59 -2.81 -8.48
CA CYS C 45 3.31 -2.08 -7.24
C CYS C 45 4.59 -1.92 -6.41
N GLN C 46 5.38 -2.98 -6.31
CA GLN C 46 6.63 -2.89 -5.55
C GLN C 46 7.60 -1.92 -6.21
N LYS C 47 7.65 -1.91 -7.53
CA LYS C 47 8.46 -0.91 -8.24
C LYS C 47 7.97 0.49 -7.93
N MET C 48 6.66 0.68 -7.84
CA MET C 48 6.11 1.98 -7.49
C MET C 48 6.58 2.41 -6.11
N LEU C 49 6.54 1.49 -5.14
CA LEU C 49 6.96 1.83 -3.78
C LEU C 49 8.46 2.12 -3.71
N GLU C 50 9.25 1.56 -4.61
CA GLU C 50 10.69 1.78 -4.61
C GLU C 50 11.09 3.06 -5.36
N THR C 51 10.15 3.70 -6.06
CA THR C 51 10.43 4.90 -6.82
C THR C 51 9.39 5.97 -6.54
N THR C 52 8.94 6.06 -5.29
CA THR C 52 7.93 7.02 -4.87
C THR C 52 8.36 7.69 -3.58
N GLU C 53 8.34 9.02 -3.56
CA GLU C 53 8.57 9.74 -2.32
C GLU C 53 7.32 9.69 -1.46
N PRO C 54 7.42 9.25 -0.21
CA PRO C 54 6.22 9.16 0.62
C PRO C 54 5.76 10.50 1.09
N PRO C 55 4.47 10.67 1.44
CA PRO C 55 3.98 11.99 1.83
C PRO C 55 4.57 12.40 3.17
N SER C 56 4.89 13.69 3.28
CA SER C 56 5.35 14.24 4.56
C SER C 56 4.14 14.42 5.47
N GLY C 57 4.18 13.77 6.63
CA GLY C 57 3.10 13.79 7.59
C GLY C 57 2.68 12.39 7.95
N LEU C 58 1.43 12.27 8.39
CA LEU C 58 0.87 10.99 8.80
C LEU C 58 0.01 10.42 7.69
N ALA C 59 0.37 9.23 7.21
CA ALA C 59 -0.33 8.61 6.10
C ALA C 59 -0.17 7.10 6.18
N CYS C 60 -1.13 6.39 5.59
CA CYS C 60 -1.04 4.95 5.46
C CYS C 60 -0.05 4.58 4.35
N ASN C 61 0.89 3.70 4.67
CA ASN C 61 1.91 3.33 3.71
C ASN C 61 1.30 2.62 2.51
N GLY C 62 1.79 2.97 1.32
CA GLY C 62 1.41 2.22 0.13
C GLY C 62 1.94 0.80 0.20
N SER C 63 1.13 -0.13 -0.29
CA SER C 63 1.48 -1.54 -0.18
C SER C 63 0.67 -2.33 -1.20
N PHE C 64 0.88 -3.64 -1.21
CA PHE C 64 0.14 -4.59 -2.05
C PHE C 64 -0.39 -5.69 -1.15
N ASP C 65 -1.70 -5.67 -0.89
CA ASP C 65 -2.33 -6.62 0.01
C ASP C 65 -2.70 -7.91 -0.71
N MET C 66 -1.90 -8.28 -1.71
CA MET C 66 -2.12 -9.48 -2.51
C MET C 66 -3.42 -9.42 -3.30
N TYR C 67 -4.13 -8.30 -3.23
CA TYR C 67 -5.32 -8.07 -4.04
C TYR C 67 -5.22 -6.82 -4.89
N ALA C 68 -4.93 -5.67 -4.27
CA ALA C 68 -4.89 -4.41 -5.00
C ALA C 68 -3.68 -3.61 -4.56
N CYS C 69 -3.18 -2.78 -5.47
CA CYS C 69 -2.07 -1.87 -5.20
C CYS C 69 -2.60 -0.57 -4.63
N TRP C 70 -2.27 -0.28 -3.37
CA TRP C 70 -2.77 0.90 -2.69
C TRP C 70 -1.69 1.97 -2.66
N ASN C 71 -2.06 3.19 -3.06
CA ASN C 71 -1.16 4.32 -2.99
C ASN C 71 -1.04 4.82 -1.54
N TYR C 72 -0.05 5.67 -1.31
CA TYR C 72 0.04 6.36 -0.04
C TYR C 72 -1.21 7.21 0.17
N THR C 73 -1.89 6.98 1.29
CA THR C 73 -3.19 7.59 1.55
C THR C 73 -3.15 8.40 2.84
N ALA C 74 -3.69 9.60 2.80
CA ALA C 74 -3.79 10.43 4.00
C ALA C 74 -4.66 9.74 5.04
N ALA C 75 -4.44 10.12 6.30
CA ALA C 75 -5.15 9.51 7.41
C ALA C 75 -6.62 9.92 7.40
N ASN C 76 -7.45 9.07 8.01
CA ASN C 76 -8.90 9.30 8.11
C ASN C 76 -9.52 9.48 6.73
N THR C 77 -8.99 8.76 5.74
CA THR C 77 -9.44 8.90 4.36
C THR C 77 -9.67 7.51 3.77
N THR C 78 -10.79 7.36 3.06
CA THR C 78 -11.11 6.11 2.38
C THR C 78 -10.24 6.02 1.13
N ALA C 79 -9.18 5.21 1.20
CA ALA C 79 -8.32 5.03 0.04
C ALA C 79 -9.10 4.34 -1.08
N ARG C 80 -8.55 4.45 -2.29
CA ARG C 80 -9.34 4.06 -3.44
C ARG C 80 -8.52 3.98 -4.72
N VAL C 81 -8.53 2.81 -5.36
CA VAL C 81 -7.86 2.60 -6.64
C VAL C 81 -8.83 1.84 -7.55
N SER C 82 -8.48 1.80 -8.83
CA SER C 82 -9.28 1.07 -9.80
C SER C 82 -9.22 -0.43 -9.54
N CYS C 83 -10.09 -1.17 -10.21
CA CYS C 83 -10.10 -2.61 -10.06
C CYS C 83 -8.80 -3.19 -10.62
N PRO C 84 -8.19 -4.16 -9.93
CA PRO C 84 -6.95 -4.76 -10.41
C PRO C 84 -7.12 -5.32 -11.81
N TRP C 85 -6.12 -5.09 -12.66
CA TRP C 85 -6.19 -5.54 -14.05
C TRP C 85 -5.74 -6.97 -14.23
N TYR C 86 -5.30 -7.65 -13.17
CA TYR C 86 -5.04 -9.08 -13.28
C TYR C 86 -6.30 -9.92 -13.21
N LEU C 87 -7.42 -9.32 -12.83
CA LEU C 87 -8.67 -10.07 -12.72
C LEU C 87 -9.09 -10.57 -14.10
N PRO C 88 -9.56 -11.82 -14.21
CA PRO C 88 -9.99 -12.32 -15.53
C PRO C 88 -11.19 -11.57 -16.08
N TRP C 89 -11.98 -10.92 -15.24
CA TRP C 89 -13.12 -10.12 -15.66
C TRP C 89 -12.84 -8.63 -15.51
N PHE C 90 -11.61 -8.22 -15.84
CA PHE C 90 -11.18 -6.85 -15.56
C PHE C 90 -11.94 -5.85 -16.40
N ARG C 91 -12.03 -6.08 -17.71
CA ARG C 91 -12.62 -5.09 -18.60
C ARG C 91 -14.11 -4.88 -18.31
N GLN C 92 -14.82 -5.95 -17.95
CA GLN C 92 -16.21 -5.83 -17.56
C GLN C 92 -16.40 -4.88 -16.39
N VAL C 93 -15.36 -4.63 -15.60
CA VAL C 93 -15.42 -3.71 -14.46
C VAL C 93 -14.20 -2.79 -14.45
N SER C 94 -13.65 -2.50 -15.64
CA SER C 94 -12.49 -1.62 -15.74
C SER C 94 -12.76 -0.24 -15.16
N ALA C 95 -14.02 0.17 -15.03
CA ALA C 95 -14.38 1.45 -14.46
C ALA C 95 -14.69 1.38 -12.97
N GLY C 96 -14.70 0.19 -12.38
CA GLY C 96 -14.94 0.04 -10.95
C GLY C 96 -13.74 0.45 -10.12
N PHE C 97 -13.94 0.42 -8.81
CA PHE C 97 -12.90 0.84 -7.87
C PHE C 97 -12.92 -0.03 -6.62
N VAL C 98 -11.75 -0.17 -6.01
CA VAL C 98 -11.59 -0.86 -4.73
C VAL C 98 -11.52 0.18 -3.63
N PHE C 99 -12.02 -0.18 -2.45
CA PHE C 99 -12.05 0.74 -1.32
C PHE C 99 -11.41 0.11 -0.10
N ARG C 100 -10.70 0.94 0.67
CA ARG C 100 -10.03 0.50 1.89
C ARG C 100 -9.78 1.73 2.73
N GLN C 101 -10.36 1.77 3.94
CA GLN C 101 -10.33 2.96 4.76
C GLN C 101 -9.02 3.06 5.53
N CYS C 102 -8.30 4.16 5.37
CA CYS C 102 -7.09 4.41 6.14
C CYS C 102 -7.48 5.03 7.48
N GLY C 103 -6.95 4.47 8.56
CA GLY C 103 -7.27 4.94 9.89
C GLY C 103 -6.73 6.34 10.15
N SER C 104 -7.09 6.88 11.32
CA SER C 104 -6.63 8.18 11.76
C SER C 104 -5.25 8.13 12.39
N ASP C 105 -4.39 7.21 11.94
CA ASP C 105 -3.09 7.02 12.59
C ASP C 105 -2.01 6.51 11.64
N GLY C 106 -2.28 6.39 10.35
CA GLY C 106 -1.32 5.86 9.41
C GLY C 106 -1.36 4.36 9.24
N GLN C 107 -2.27 3.66 9.91
CA GLN C 107 -2.46 2.23 9.74
C GLN C 107 -3.80 1.96 9.06
N TRP C 108 -3.81 0.92 8.24
CA TRP C 108 -5.00 0.56 7.48
C TRP C 108 -6.02 -0.12 8.38
N GLY C 109 -7.29 0.27 8.24
CA GLY C 109 -8.37 -0.33 8.98
C GLY C 109 -8.90 -1.59 8.30
N SER C 110 -9.87 -2.22 8.96
CA SER C 110 -10.46 -3.44 8.44
C SER C 110 -11.53 -3.18 7.39
N TRP C 111 -12.06 -1.96 7.33
CA TRP C 111 -13.18 -1.68 6.44
C TRP C 111 -12.72 -1.71 4.99
N ARG C 112 -13.34 -2.59 4.20
CA ARG C 112 -13.00 -2.75 2.79
C ARG C 112 -14.27 -2.84 1.97
N ASP C 113 -14.12 -2.70 0.65
CA ASP C 113 -15.24 -2.84 -0.27
C ASP C 113 -14.67 -3.23 -1.63
N HIS C 114 -14.77 -4.53 -1.95
CA HIS C 114 -14.37 -5.05 -3.25
C HIS C 114 -15.57 -5.40 -4.12
N THR C 115 -16.77 -5.03 -3.69
CA THR C 115 -17.98 -5.47 -4.38
C THR C 115 -18.02 -4.99 -5.82
N GLN C 116 -17.54 -3.76 -6.07
CA GLN C 116 -17.57 -3.23 -7.42
C GLN C 116 -16.74 -4.07 -8.37
N CYS C 117 -15.62 -4.61 -7.89
CA CYS C 117 -14.71 -5.40 -8.71
C CYS C 117 -15.02 -6.88 -8.70
N GLU C 118 -16.15 -7.29 -8.14
CA GLU C 118 -16.48 -8.70 -8.07
C GLU C 118 -16.85 -9.23 -9.45
N ASN C 119 -16.92 -10.55 -9.55
CA ASN C 119 -17.37 -11.20 -10.77
C ASN C 119 -18.80 -10.77 -11.09
N PRO C 120 -19.08 -10.22 -12.28
CA PRO C 120 -20.45 -9.82 -12.61
C PRO C 120 -21.47 -10.94 -12.39
N GLU C 121 -21.15 -12.15 -12.79
CA GLU C 121 -21.96 -13.33 -12.47
C GLU C 121 -21.15 -14.18 -11.52
N LYS C 122 -21.41 -14.04 -10.22
CA LYS C 122 -20.57 -14.62 -9.19
C LYS C 122 -20.45 -16.15 -9.29
N ASN C 123 -21.45 -16.90 -8.79
CA ASN C 123 -21.34 -18.36 -8.84
C ASN C 123 -21.83 -18.89 -10.19
N GLY C 124 -21.09 -19.84 -10.73
CA GLY C 124 -21.16 -20.24 -12.12
C GLY C 124 -19.73 -20.59 -12.48
N ALA C 125 -19.33 -20.39 -13.73
CA ALA C 125 -17.95 -20.67 -14.10
C ALA C 125 -17.02 -19.58 -13.55
N PHE C 126 -15.74 -19.65 -13.96
CA PHE C 126 -14.61 -18.96 -13.35
C PHE C 126 -14.18 -19.60 -12.03
N GLN C 127 -14.62 -20.84 -11.75
CA GLN C 127 -14.26 -21.52 -10.51
C GLN C 127 -12.77 -21.47 -10.26
N ASP C 128 -12.00 -22.03 -11.19
CA ASP C 128 -10.59 -22.28 -10.96
C ASP C 128 -9.85 -21.03 -10.51
N GLN C 129 -10.26 -19.86 -11.01
CA GLN C 129 -9.62 -18.62 -10.57
C GLN C 129 -10.33 -17.95 -9.41
N THR C 130 -11.68 -17.93 -9.41
CA THR C 130 -12.41 -17.56 -8.19
C THR C 130 -11.88 -18.35 -7.01
N LEU C 131 -11.54 -19.59 -7.27
CA LEU C 131 -10.93 -20.45 -6.29
C LEU C 131 -9.50 -20.00 -6.00
N ILE C 132 -8.70 -19.72 -7.05
CA ILE C 132 -7.31 -19.31 -6.84
C ILE C 132 -7.24 -17.94 -6.18
N LEU C 133 -8.12 -17.02 -6.60
CA LEU C 133 -8.15 -15.70 -5.99
C LEU C 133 -8.59 -15.76 -4.53
N GLU C 134 -9.45 -16.73 -4.18
CA GLU C 134 -9.84 -16.91 -2.79
C GLU C 134 -8.66 -17.27 -1.91
N ARG C 135 -7.64 -17.91 -2.49
CA ARG C 135 -6.41 -18.21 -1.76
C ARG C 135 -5.50 -17.00 -1.63
N LEU C 136 -5.62 -16.05 -2.55
CA LEU C 136 -4.79 -14.85 -2.53
C LEU C 136 -5.27 -13.81 -1.54
N GLN C 137 -6.22 -14.16 -0.67
CA GLN C 137 -6.75 -13.23 0.31
C GLN C 137 -5.70 -12.90 1.37
N VAL D 2 -15.06 -21.53 5.33
CA VAL D 2 -14.69 -20.75 6.52
C VAL D 2 -15.43 -21.27 7.74
N GLN D 3 -14.71 -21.49 8.84
CA GLN D 3 -15.29 -22.02 10.06
C GLN D 3 -14.65 -21.33 11.26
N LEU D 4 -15.50 -20.84 12.17
CA LEU D 4 -15.06 -20.28 13.44
C LEU D 4 -15.72 -21.10 14.55
N GLN D 5 -14.93 -21.84 15.30
CA GLN D 5 -15.45 -22.75 16.32
C GLN D 5 -15.19 -22.18 17.71
N GLN D 6 -16.24 -22.12 18.52
CA GLN D 6 -16.20 -21.62 19.88
C GLN D 6 -16.71 -22.69 20.84
N PRO D 7 -16.24 -22.69 22.10
CA PRO D 7 -16.69 -23.66 23.11
C PRO D 7 -18.20 -23.64 23.32
N ALA D 9 -20.49 -23.33 25.78
CA ALA D 9 -20.80 -22.68 27.06
C ALA D 9 -19.55 -22.55 27.92
N GLU D 10 -19.60 -21.63 28.89
CA GLU D 10 -18.48 -21.40 29.78
C GLU D 10 -19.01 -20.95 31.13
N LEU D 11 -18.51 -21.55 32.20
CA LEU D 11 -18.98 -21.30 33.55
C LEU D 11 -17.88 -20.60 34.35
N VAL D 12 -18.23 -19.45 34.93
CA VAL D 12 -17.26 -18.62 35.64
C VAL D 12 -17.82 -18.24 37.01
N LYS D 13 -16.91 -17.81 37.89
CA LYS D 13 -17.17 -17.31 39.22
C LYS D 13 -17.29 -15.78 39.18
N PRO D 14 -18.13 -15.19 40.03
CA PRO D 14 -18.23 -13.73 40.08
C PRO D 14 -16.91 -13.11 40.52
N GLY D 15 -16.55 -12.00 39.88
CA GLY D 15 -15.32 -11.31 40.19
C GLY D 15 -14.06 -11.96 39.65
N ALA D 16 -14.19 -12.98 38.82
CA ALA D 16 -13.06 -13.65 38.20
C ALA D 16 -13.09 -13.41 36.69
N SER D 17 -11.93 -13.55 36.06
CA SER D 17 -11.83 -13.40 34.63
C SER D 17 -11.79 -14.76 33.94
N VAL D 18 -12.22 -14.75 32.67
CA VAL D 18 -12.39 -15.95 31.85
C VAL D 18 -11.92 -15.57 30.45
N LYS D 19 -11.57 -16.57 29.64
CA LYS D 19 -11.14 -16.25 28.29
C LYS D 19 -11.75 -17.24 27.30
N LEU D 20 -12.32 -16.70 26.24
CA LEU D 20 -13.17 -17.42 25.30
C LEU D 20 -12.39 -17.62 24.01
N SER D 21 -12.36 -18.84 23.50
CA SER D 21 -11.58 -19.16 22.31
C SER D 21 -12.44 -19.06 21.05
N CYS D 22 -11.79 -18.70 19.95
CA CYS D 22 -12.42 -18.63 18.64
C CYS D 22 -11.37 -19.12 17.64
N ARG D 23 -11.44 -20.40 17.28
CA ARG D 23 -10.46 -21.00 16.38
C ARG D 23 -10.93 -20.87 14.95
N ALA D 24 -10.04 -20.37 14.08
CA ALA D 24 -10.34 -20.18 12.68
C ALA D 24 -9.84 -21.37 11.86
N SER D 25 -10.48 -21.59 10.72
CA SER D 25 -10.09 -22.66 9.81
C SER D 25 -10.70 -22.37 8.44
N GLY D 26 -10.05 -22.86 7.39
CA GLY D 26 -10.52 -22.68 6.03
C GLY D 26 -10.05 -21.43 5.33
N TYR D 27 -9.19 -20.64 5.98
CA TYR D 27 -8.64 -19.44 5.35
C TYR D 27 -7.38 -19.03 6.09
N THR D 28 -6.56 -18.23 5.43
CA THR D 28 -5.34 -17.72 6.05
C THR D 28 -5.73 -16.76 7.17
N PHE D 29 -5.40 -17.15 8.41
CA PHE D 29 -5.98 -16.52 9.58
C PHE D 29 -5.47 -15.10 9.79
N THR D 30 -4.29 -14.77 9.27
CA THR D 30 -3.75 -13.43 9.41
C THR D 30 -4.30 -12.45 8.37
N SER D 31 -5.15 -12.91 7.47
CA SER D 31 -5.66 -12.10 6.36
C SER D 31 -6.99 -11.42 6.67
N ASN D 32 -7.52 -11.58 7.88
CA ASN D 32 -8.84 -11.04 8.21
C ASN D 32 -8.90 -10.70 9.68
N TRP D 33 -9.53 -9.57 10.00
CA TRP D 33 -9.74 -9.20 11.38
C TRP D 33 -10.75 -10.15 12.04
N MET D 34 -10.71 -10.18 13.37
CA MET D 34 -11.61 -11.01 14.17
C MET D 34 -12.43 -10.11 15.08
N HIS D 35 -13.73 -10.09 14.86
CA HIS D 35 -14.64 -9.29 15.66
C HIS D 35 -15.25 -10.14 16.78
N TRP D 36 -15.87 -9.45 17.74
CA TRP D 36 -16.54 -10.10 18.86
C TRP D 36 -17.82 -9.35 19.17
N VAL D 37 -18.91 -10.09 19.34
CA VAL D 37 -20.23 -9.51 19.55
C VAL D 37 -20.83 -10.11 20.82
N LYS D 38 -21.25 -9.25 21.73
CA LYS D 38 -21.98 -9.68 22.91
C LYS D 38 -23.47 -9.69 22.61
N GLN D 39 -24.16 -10.75 23.01
CA GLN D 39 -25.59 -10.80 22.84
C GLN D 39 -26.24 -11.56 24.00
N ARG D 40 -27.32 -11.01 24.55
CA ARG D 40 -28.27 -11.68 25.41
C ARG D 40 -29.44 -11.93 24.48
N PRO D 41 -29.56 -13.10 23.92
CA PRO D 41 -30.80 -13.50 23.21
C PRO D 41 -32.10 -13.01 23.89
N ARG D 42 -33.06 -12.65 23.02
CA ARG D 42 -34.25 -11.84 23.24
C ARG D 42 -33.97 -10.35 23.42
N GLN D 43 -32.74 -9.91 23.15
CA GLN D 43 -32.40 -8.49 23.15
C GLN D 43 -31.56 -8.19 21.91
N GLY D 44 -30.77 -7.12 21.98
CA GLY D 44 -29.99 -6.70 20.83
C GLY D 44 -28.56 -7.22 20.85
N LEU D 45 -27.84 -6.93 19.77
CA LEU D 45 -26.45 -7.32 19.61
C LEU D 45 -25.53 -6.14 19.91
N GLU D 46 -24.38 -6.43 20.50
CA GLU D 46 -23.42 -5.40 20.89
C GLU D 46 -22.04 -5.77 20.38
N TRP D 47 -21.48 -4.90 19.53
CA TRP D 47 -20.16 -5.13 18.97
C TRP D 47 -19.10 -4.74 19.98
N ILE D 48 -18.24 -5.70 20.35
CA ILE D 48 -17.20 -5.42 21.35
C ILE D 48 -16.02 -4.72 20.70
N GLY D 49 -15.34 -5.40 19.78
CA GLY D 49 -14.16 -4.84 19.15
C GLY D 49 -13.62 -5.78 18.12
N GLU D 50 -12.53 -5.34 17.48
CA GLU D 50 -11.86 -6.09 16.44
C GLU D 50 -10.38 -6.17 16.76
N ILE D 51 -9.73 -7.21 16.25
CA ILE D 51 -8.29 -7.40 16.45
C ILE D 51 -7.67 -7.86 15.14
N ASN D 52 -6.61 -7.18 14.72
CA ASN D 52 -5.86 -7.60 13.54
C ASN D 52 -4.87 -8.67 13.95
N PRO D 53 -5.03 -9.90 13.48
CA PRO D 53 -4.15 -10.98 13.94
C PRO D 53 -2.69 -10.79 13.55
N SER D 54 -2.42 -10.11 12.45
CA SER D 54 -1.04 -10.02 11.95
C SER D 54 -0.14 -9.26 12.92
N ASN D 55 -0.65 -8.16 13.50
CA ASN D 55 0.14 -7.33 14.40
C ASN D 55 -0.39 -7.28 15.82
N GLY D 56 -1.65 -7.67 16.06
CA GLY D 56 -2.24 -7.57 17.37
C GLY D 56 -2.94 -6.26 17.66
N ARG D 57 -3.01 -5.36 16.68
CA ARG D 57 -3.67 -4.07 16.84
C ARG D 57 -5.18 -4.29 17.05
N SER D 58 -5.68 -3.85 18.21
CA SER D 58 -7.08 -3.98 18.59
C SER D 58 -7.68 -2.61 18.88
N ASN D 59 -8.86 -2.35 18.32
CA ASN D 59 -9.67 -1.19 18.71
C ASN D 59 -10.99 -1.71 19.25
N TYR D 60 -11.42 -1.17 20.39
CA TYR D 60 -12.61 -1.61 21.10
C TYR D 60 -13.72 -0.56 20.99
N ASN D 61 -14.94 -1.00 21.30
CA ASN D 61 -16.08 -0.11 21.55
C ASN D 61 -16.01 0.56 22.92
N GLU D 62 -16.42 1.85 23.00
CA GLU D 62 -16.08 2.62 24.18
C GLU D 62 -16.90 2.18 25.39
N LYS D 63 -17.65 1.08 25.28
CA LYS D 63 -18.39 0.55 26.43
C LYS D 63 -17.79 -0.74 26.95
N PHE D 64 -16.81 -1.33 26.24
CA PHE D 64 -16.18 -2.61 26.55
C PHE D 64 -14.64 -2.58 26.60
N LYS D 65 -13.98 -1.51 27.07
CA LYS D 65 -12.49 -1.42 27.05
C LYS D 65 -11.88 -2.02 28.29
N THR D 66 -12.17 -1.39 29.41
CA THR D 66 -11.71 -1.91 30.67
C THR D 66 -12.26 -3.31 30.91
N LYS D 67 -13.36 -3.68 30.24
CA LYS D 67 -13.92 -5.01 30.43
C LYS D 67 -13.29 -6.06 29.54
N ALA D 68 -13.02 -5.74 28.27
CA ALA D 68 -12.56 -6.70 27.29
C ALA D 68 -11.10 -6.44 26.89
N THR D 69 -10.37 -7.52 26.64
CA THR D 69 -9.00 -7.44 26.11
C THR D 69 -8.86 -8.51 25.04
N LEU D 70 -8.57 -8.09 23.82
CA LEU D 70 -8.49 -9.00 22.68
C LEU D 70 -7.07 -9.50 22.49
N THR D 71 -6.92 -10.82 22.40
CA THR D 71 -5.63 -11.47 22.20
C THR D 71 -5.66 -12.30 20.92
N VAL D 72 -4.48 -12.71 20.48
CA VAL D 72 -4.32 -13.50 19.26
C VAL D 72 -3.19 -14.51 19.47
N ASP D 73 -3.44 -15.76 19.12
CA ASP D 73 -2.42 -16.81 19.11
C ASP D 73 -2.28 -17.26 17.66
N LYS D 74 -1.25 -16.77 16.97
CA LYS D 74 -1.11 -17.02 15.54
C LYS D 74 -0.71 -18.45 15.24
N SER D 75 0.04 -19.09 16.15
CA SER D 75 0.51 -20.45 15.89
C SER D 75 -0.67 -21.43 15.77
N SER D 76 -1.64 -21.31 16.68
CA SER D 76 -2.84 -22.13 16.62
C SER D 76 -3.95 -21.49 15.80
N SER D 77 -3.71 -20.30 15.25
CA SER D 77 -4.72 -19.56 14.47
C SER D 77 -6.01 -19.36 15.27
N THR D 78 -5.86 -19.04 16.55
CA THR D 78 -7.00 -18.85 17.44
C THR D 78 -6.97 -17.43 17.99
N ALA D 79 -8.13 -16.77 17.94
CA ALA D 79 -8.30 -15.45 18.55
C ALA D 79 -9.14 -15.59 19.81
N TYR D 80 -8.76 -14.85 20.84
CA TYR D 80 -9.47 -14.88 22.10
C TYR D 80 -9.94 -13.48 22.46
N MET D 81 -10.58 -13.37 23.62
CA MET D 81 -11.30 -12.18 24.01
C MET D 81 -11.65 -12.35 25.49
N GLN D 82 -11.20 -11.41 26.32
CA GLN D 82 -11.20 -11.67 27.76
C GLN D 82 -11.91 -10.57 28.55
N LEU D 83 -12.75 -11.02 29.47
CA LEU D 83 -13.49 -10.15 30.38
C LEU D 83 -12.93 -10.34 31.79
N SER D 84 -12.78 -9.25 32.52
CA SER D 84 -12.30 -9.29 33.90
C SER D 84 -13.35 -8.69 34.82
N SER D 85 -13.33 -9.11 36.08
CA SER D 85 -14.27 -8.66 37.10
C SER D 85 -15.71 -8.89 36.64
N LEU D 86 -16.03 -10.16 36.41
CA LEU D 86 -17.30 -10.50 35.79
C LEU D 86 -18.46 -10.25 36.75
N THR D 87 -19.59 -9.83 36.17
CA THR D 87 -20.76 -9.36 36.88
C THR D 87 -21.96 -10.22 36.49
N SER D 88 -23.15 -9.82 36.93
CA SER D 88 -24.36 -10.48 36.45
C SER D 88 -24.75 -9.99 35.07
N GLU D 89 -24.37 -8.75 34.73
CA GLU D 89 -24.58 -8.17 33.41
C GLU D 89 -23.80 -8.89 32.32
N ASP D 90 -22.95 -9.85 32.68
CA ASP D 90 -22.14 -10.58 31.71
C ASP D 90 -22.76 -11.91 31.29
N SER D 91 -23.81 -12.36 31.95
CA SER D 91 -24.47 -13.60 31.56
C SER D 91 -25.10 -13.43 30.18
N ALA D 92 -24.36 -13.80 29.14
CA ALA D 92 -24.79 -13.57 27.76
C ALA D 92 -24.06 -14.54 26.84
N VAL D 93 -24.41 -14.48 25.56
CA VAL D 93 -23.74 -15.25 24.53
C VAL D 93 -22.76 -14.33 23.81
N TYR D 94 -21.54 -14.81 23.62
CA TYR D 94 -20.46 -14.01 23.02
C TYR D 94 -20.04 -14.66 21.71
N TYR D 95 -20.37 -14.01 20.60
CA TYR D 95 -19.99 -14.49 19.27
C TYR D 95 -18.67 -13.88 18.85
N CYS D 96 -17.95 -14.60 17.99
CA CYS D 96 -16.84 -14.03 17.24
C CYS D 96 -17.24 -14.03 15.77
N ALA D 97 -17.27 -12.84 15.18
CA ALA D 97 -17.69 -12.65 13.80
C ALA D 97 -16.56 -12.06 12.99
N ARG D 98 -16.80 -11.93 11.68
CA ARG D 98 -15.73 -11.57 10.76
C ARG D 98 -16.33 -11.34 9.38
N PHE D 99 -15.89 -10.27 8.71
CA PHE D 99 -16.46 -9.87 7.43
C PHE D 99 -16.24 -10.93 6.37
N TYR D 100 -17.12 -10.92 5.37
CA TYR D 100 -16.78 -11.53 4.10
C TYR D 100 -15.57 -10.80 3.52
N TYR D 101 -14.70 -11.55 2.83
CA TYR D 101 -13.44 -10.96 2.39
C TYR D 101 -13.70 -9.80 1.44
N GLY D 102 -12.92 -8.73 1.61
CA GLY D 102 -13.11 -7.54 0.82
C GLY D 102 -14.39 -6.79 1.10
N THR D 103 -15.02 -7.05 2.25
CA THR D 103 -16.29 -6.42 2.58
C THR D 103 -16.24 -5.80 3.97
N SER D 104 -17.41 -5.40 4.48
CA SER D 104 -17.52 -4.89 5.85
C SER D 104 -18.72 -5.44 6.58
N TRP D 105 -19.38 -6.48 6.05
CA TRP D 105 -20.54 -7.08 6.69
C TRP D 105 -20.21 -8.49 7.15
N PHE D 106 -20.69 -8.83 8.34
CA PHE D 106 -20.36 -10.10 8.99
C PHE D 106 -21.07 -11.24 8.26
N ALA D 107 -20.34 -11.95 7.41
CA ALA D 107 -20.89 -13.09 6.69
C ALA D 107 -20.64 -14.42 7.40
N TYR D 108 -19.77 -14.45 8.41
CA TYR D 108 -19.43 -15.67 9.11
C TYR D 108 -19.51 -15.44 10.61
N TRP D 109 -20.06 -16.43 11.32
CA TRP D 109 -20.23 -16.35 12.76
C TRP D 109 -19.87 -17.69 13.38
N GLY D 110 -19.35 -17.64 14.61
CA GLY D 110 -19.31 -18.82 15.43
C GLY D 110 -20.65 -19.05 16.09
N GLN D 111 -20.79 -20.18 16.76
CA GLN D 111 -22.08 -20.42 17.41
C GLN D 111 -22.13 -19.87 18.82
N GLY D 112 -21.13 -19.09 19.24
CA GLY D 112 -21.17 -18.38 20.50
C GLY D 112 -20.88 -19.24 21.70
N THR D 113 -20.48 -18.61 22.81
CA THR D 113 -20.21 -19.30 24.07
C THR D 113 -21.12 -18.70 25.13
N LEU D 114 -22.06 -19.50 25.62
CA LEU D 114 -22.92 -19.07 26.70
C LEU D 114 -22.10 -18.90 27.97
N VAL D 115 -22.04 -17.68 28.50
CA VAL D 115 -21.32 -17.38 29.72
C VAL D 115 -22.34 -17.22 30.84
N ALA D 116 -22.20 -18.01 31.90
CA ALA D 116 -23.06 -17.95 33.07
C ALA D 116 -22.19 -17.67 34.29
N VAL D 117 -22.52 -16.60 35.01
CA VAL D 117 -21.73 -16.15 36.14
C VAL D 117 -22.42 -16.61 37.41
N SER D 118 -21.78 -17.53 38.15
CA SER D 118 -22.28 -17.98 39.43
C SER D 118 -21.17 -18.74 40.15
N ALA D 119 -21.13 -18.60 41.48
CA ALA D 119 -20.11 -19.22 42.31
C ALA D 119 -20.46 -20.66 42.70
N ALA D 120 -21.48 -21.24 42.09
CA ALA D 120 -22.00 -22.53 42.53
C ALA D 120 -21.39 -23.69 41.76
N LYS D 121 -21.23 -24.80 42.46
CA LYS D 121 -20.89 -26.09 41.89
C LYS D 121 -22.18 -26.80 41.47
N THR D 122 -22.04 -27.82 40.62
CA THR D 122 -23.09 -28.76 40.24
C THR D 122 -24.02 -29.09 41.40
N THR D 123 -25.18 -28.46 41.43
CA THR D 123 -26.20 -28.76 42.41
C THR D 123 -27.38 -29.43 41.71
N PRO D 124 -27.86 -30.57 42.22
CA PRO D 124 -29.05 -31.18 41.61
C PRO D 124 -30.28 -30.36 41.92
N PRO D 125 -31.31 -30.45 41.08
CA PRO D 125 -32.55 -29.72 41.35
C PRO D 125 -33.39 -30.39 42.42
N SER D 126 -34.09 -29.55 43.18
CA SER D 126 -35.12 -30.00 44.12
C SER D 126 -36.45 -29.78 43.43
N VAL D 127 -36.99 -30.83 42.84
CA VAL D 127 -38.24 -30.72 42.09
C VAL D 127 -39.40 -30.93 43.05
N TYR D 128 -40.51 -30.26 42.76
CA TYR D 128 -41.64 -30.21 43.69
C TYR D 128 -42.94 -30.36 42.91
N PRO D 129 -43.95 -31.00 43.51
CA PRO D 129 -45.25 -31.11 42.84
C PRO D 129 -46.06 -29.84 42.97
N LEU D 130 -46.80 -29.51 41.92
CA LEU D 130 -47.69 -28.34 41.90
C LEU D 130 -49.10 -28.85 41.59
N ALA D 131 -49.73 -29.32 42.60
CA ALA D 131 -51.09 -29.82 42.60
C ALA D 131 -52.07 -28.67 42.88
N PRO D 132 -53.22 -28.67 42.19
CA PRO D 132 -54.27 -27.64 42.34
C PRO D 132 -54.72 -27.47 43.78
N SER D 140 -63.50 -28.70 33.55
CA SER D 140 -63.34 -29.50 32.34
C SER D 140 -61.92 -30.04 32.23
N MET D 141 -60.94 -29.15 32.35
CA MET D 141 -59.53 -29.51 32.23
C MET D 141 -58.75 -28.90 33.38
N VAL D 142 -57.79 -29.66 33.91
CA VAL D 142 -56.99 -29.24 35.05
C VAL D 142 -55.54 -29.12 34.59
N THR D 143 -54.83 -28.15 35.16
CA THR D 143 -53.43 -27.90 34.85
C THR D 143 -52.57 -28.25 36.05
N LEU D 144 -51.60 -29.13 35.85
CA LEU D 144 -50.65 -29.54 36.88
C LEU D 144 -49.27 -28.98 36.55
N GLY D 145 -48.34 -29.13 37.48
CA GLY D 145 -47.00 -28.62 37.27
C GLY D 145 -45.93 -29.33 38.07
N CYS D 146 -44.69 -29.11 37.66
CA CYS D 146 -43.51 -29.52 38.42
C CYS D 146 -42.57 -28.34 38.55
N LEU D 147 -42.07 -28.10 39.77
CA LEU D 147 -41.27 -26.93 40.11
C LEU D 147 -39.82 -27.38 40.24
N VAL D 148 -39.05 -27.18 39.19
CA VAL D 148 -37.67 -27.61 39.12
C VAL D 148 -36.81 -26.39 39.45
N LYS D 149 -36.39 -26.29 40.70
CA LYS D 149 -35.66 -25.12 41.17
C LYS D 149 -34.33 -25.54 41.80
N GLY D 150 -33.43 -24.57 41.86
CA GLY D 150 -32.16 -24.74 42.56
C GLY D 150 -31.20 -25.73 41.94
N TYR D 151 -31.10 -25.75 40.62
CA TYR D 151 -30.16 -26.62 39.93
C TYR D 151 -29.08 -25.80 39.23
N PHE D 152 -27.94 -26.44 39.00
CA PHE D 152 -26.83 -25.83 38.29
C PHE D 152 -25.93 -26.92 37.72
N PRO D 153 -25.59 -26.83 36.43
CA PRO D 153 -26.06 -25.78 35.54
C PRO D 153 -27.05 -26.28 34.52
N GLU D 154 -27.34 -25.48 33.50
CA GLU D 154 -28.22 -25.93 32.44
C GLU D 154 -27.56 -27.07 31.66
N PRO D 155 -28.36 -27.93 31.02
CA PRO D 155 -29.82 -27.86 30.91
C PRO D 155 -30.55 -28.83 31.82
N VAL D 156 -31.87 -28.79 31.72
CA VAL D 156 -32.75 -29.72 32.43
C VAL D 156 -33.83 -30.16 31.44
N THR D 157 -33.94 -31.47 31.25
CA THR D 157 -34.98 -32.02 30.39
C THR D 157 -36.14 -32.49 31.26
N VAL D 158 -37.36 -32.10 30.86
CA VAL D 158 -38.57 -32.41 31.62
C VAL D 158 -39.55 -33.11 30.70
N THR D 159 -40.04 -34.26 31.14
CA THR D 159 -41.07 -35.00 30.43
C THR D 159 -42.19 -35.34 31.41
N TRP D 160 -43.31 -35.82 30.86
CA TRP D 160 -44.46 -36.20 31.65
C TRP D 160 -44.85 -37.63 31.32
N ASN D 161 -44.83 -38.50 32.33
CA ASN D 161 -45.13 -39.92 32.14
C ASN D 161 -44.25 -40.56 31.07
N SER D 162 -42.95 -40.22 31.11
CA SER D 162 -41.96 -40.79 30.20
C SER D 162 -42.26 -40.48 28.74
N GLY D 163 -42.89 -39.34 28.47
CA GLY D 163 -43.12 -38.87 27.12
C GLY D 163 -44.50 -39.15 26.57
N SER D 164 -45.33 -39.93 27.27
CA SER D 164 -46.68 -40.19 26.77
C SER D 164 -47.54 -38.94 26.80
N LEU D 165 -47.29 -38.04 27.75
CA LEU D 165 -47.97 -36.74 27.81
C LEU D 165 -47.09 -35.73 27.09
N SER D 166 -47.42 -35.44 25.84
CA SER D 166 -46.68 -34.47 25.03
C SER D 166 -47.46 -33.19 24.76
N SER D 167 -48.73 -33.30 24.41
CA SER D 167 -49.55 -32.13 24.15
C SER D 167 -49.97 -31.48 25.46
N GLY D 168 -50.18 -30.16 25.40
CA GLY D 168 -50.53 -29.41 26.59
C GLY D 168 -49.41 -29.21 27.58
N VAL D 169 -48.16 -29.45 27.18
CA VAL D 169 -47.01 -29.33 28.07
C VAL D 169 -46.26 -28.04 27.75
N HIS D 170 -45.92 -27.29 28.80
CA HIS D 170 -45.19 -26.02 28.66
C HIS D 170 -44.04 -26.04 29.65
N THR D 171 -42.83 -26.25 29.15
CA THR D 171 -41.62 -26.17 29.96
C THR D 171 -41.02 -24.78 29.77
N PHE D 172 -40.93 -24.03 30.85
CA PHE D 172 -40.50 -22.64 30.75
C PHE D 172 -38.99 -22.52 30.91
N PRO D 173 -38.37 -21.58 30.20
CA PRO D 173 -36.92 -21.40 30.33
C PRO D 173 -36.55 -20.91 31.73
N ALA D 174 -35.39 -21.38 32.18
CA ALA D 174 -34.94 -21.09 33.53
C ALA D 174 -34.26 -19.74 33.61
N VAL D 175 -34.02 -19.30 34.84
CA VAL D 175 -33.37 -18.03 35.13
C VAL D 175 -32.33 -18.27 36.20
N LEU D 176 -31.54 -17.23 36.48
CA LEU D 176 -30.58 -17.26 37.58
C LEU D 176 -30.99 -16.34 38.71
N ASP D 179 -27.78 -17.21 40.91
CA ASP D 179 -26.84 -18.23 41.36
C ASP D 179 -27.20 -19.61 40.83
N LEU D 180 -28.46 -20.00 41.02
CA LEU D 180 -28.96 -21.31 40.60
C LEU D 180 -30.12 -21.12 39.63
N TYR D 181 -30.35 -22.14 38.82
CA TYR D 181 -31.41 -22.11 37.81
C TYR D 181 -32.71 -22.66 38.37
N THR D 182 -33.82 -22.06 37.94
CA THR D 182 -35.16 -22.45 38.38
C THR D 182 -36.10 -22.37 37.20
N LEU D 183 -36.76 -23.48 36.87
CA LEU D 183 -37.74 -23.53 35.80
C LEU D 183 -39.00 -24.20 36.30
N SER D 184 -40.10 -23.97 35.58
CA SER D 184 -41.37 -24.60 35.86
C SER D 184 -41.87 -25.34 34.63
N SER D 185 -42.60 -26.42 34.86
CA SER D 185 -43.17 -27.23 33.80
C SER D 185 -44.65 -27.44 34.10
N SER D 186 -45.50 -27.20 33.11
CA SER D 186 -46.94 -27.33 33.27
C SER D 186 -47.50 -28.32 32.28
N VAL D 187 -48.57 -29.00 32.67
CA VAL D 187 -49.27 -29.95 31.82
C VAL D 187 -50.77 -29.78 32.05
N THR D 188 -51.55 -29.87 30.98
CA THR D 188 -52.99 -29.70 31.03
C THR D 188 -53.64 -31.01 30.62
N VAL D 189 -54.38 -31.63 31.54
CA VAL D 189 -55.07 -32.88 31.27
C VAL D 189 -56.57 -32.70 31.57
N PRO D 190 -57.45 -33.46 30.94
CA PRO D 190 -58.88 -33.35 31.25
C PRO D 190 -59.16 -33.67 32.72
N SER D 191 -60.26 -33.11 33.23
CA SER D 191 -60.70 -33.45 34.58
C SER D 191 -61.20 -34.88 34.65
N SER D 192 -61.67 -35.43 33.53
CA SER D 192 -62.02 -36.84 33.49
C SER D 192 -60.81 -37.72 33.72
N THR D 193 -59.63 -37.22 33.34
CA THR D 193 -58.40 -38.01 33.44
C THR D 193 -57.86 -38.04 34.87
N TRP D 194 -57.95 -36.91 35.57
CA TRP D 194 -57.28 -36.75 36.85
C TRP D 194 -58.29 -36.60 37.98
N PRO D 195 -58.03 -37.21 39.15
CA PRO D 195 -56.85 -38.03 39.44
C PRO D 195 -57.08 -39.52 39.24
N SER D 196 -58.03 -39.89 38.38
CA SER D 196 -58.25 -41.30 38.08
C SER D 196 -57.03 -41.93 37.43
N GLU D 197 -56.39 -41.19 36.53
CA GLU D 197 -55.14 -41.59 35.92
C GLU D 197 -53.98 -40.91 36.64
N THR D 198 -52.80 -41.51 36.51
CA THR D 198 -51.61 -41.03 37.19
C THR D 198 -50.76 -40.19 36.24
N VAL D 199 -50.36 -39.00 36.70
CA VAL D 199 -49.50 -38.10 35.93
C VAL D 199 -48.24 -37.84 36.74
N THR D 200 -47.09 -38.03 36.12
CA THR D 200 -45.78 -38.00 36.75
C THR D 200 -44.85 -37.19 35.87
N CYS D 201 -44.16 -36.22 36.45
CA CYS D 201 -43.14 -35.48 35.73
C CYS D 201 -41.79 -36.13 35.95
N ASN D 202 -41.01 -36.23 34.88
CA ASN D 202 -39.70 -36.87 34.91
C ASN D 202 -38.65 -35.80 34.64
N VAL D 203 -37.85 -35.49 35.65
CA VAL D 203 -36.75 -34.55 35.49
C VAL D 203 -35.47 -35.35 35.30
N ALA D 204 -34.53 -34.76 34.58
CA ALA D 204 -33.22 -35.38 34.39
C ALA D 204 -32.18 -34.29 34.27
N HIS D 205 -31.28 -34.22 35.24
CA HIS D 205 -30.18 -33.27 35.21
C HIS D 205 -28.90 -34.01 34.84
N PRO D 206 -28.53 -34.02 33.56
CA PRO D 206 -27.37 -34.82 33.13
C PRO D 206 -26.07 -34.41 33.79
N ALA D 207 -25.94 -33.13 34.17
CA ALA D 207 -24.68 -32.67 34.76
C ALA D 207 -24.41 -33.33 36.11
N SER D 208 -25.44 -33.69 36.86
CA SER D 208 -25.26 -34.31 38.17
C SER D 208 -25.71 -35.75 38.21
N SER D 209 -25.95 -36.38 37.06
CA SER D 209 -26.41 -37.76 36.98
C SER D 209 -27.66 -37.96 37.83
N THR D 210 -28.61 -37.06 37.68
CA THR D 210 -29.82 -37.03 38.49
C THR D 210 -31.02 -37.45 37.65
N LYS D 211 -31.89 -38.26 38.26
CA LYS D 211 -33.16 -38.64 37.63
C LYS D 211 -34.20 -38.76 38.72
N VAL D 212 -35.28 -37.98 38.60
CA VAL D 212 -36.32 -37.90 39.60
C VAL D 212 -37.68 -38.00 38.93
N ASP D 213 -38.54 -38.86 39.44
CA ASP D 213 -39.94 -38.90 39.06
C ASP D 213 -40.77 -38.43 40.26
N LYS D 214 -41.67 -37.49 40.02
CA LYS D 214 -42.54 -36.96 41.08
C LYS D 214 -43.97 -36.99 40.58
N LYS D 215 -44.71 -38.01 41.01
CA LYS D 215 -46.14 -38.09 40.74
C LYS D 215 -46.88 -36.97 41.47
N ILE D 216 -47.87 -36.38 40.80
CA ILE D 216 -48.66 -35.31 41.40
C ILE D 216 -49.87 -35.91 42.10
N VAL D 217 -50.06 -35.53 43.36
CA VAL D 217 -51.11 -36.07 44.20
C VAL D 217 -51.95 -34.91 44.71
N PRO D 218 -53.29 -34.99 44.67
CA PRO D 218 -54.18 -33.94 45.19
C PRO D 218 -53.90 -33.59 46.65
N ASP E 1 -22.77 7.61 18.16
CA ASP E 1 -22.90 6.45 17.29
C ASP E 1 -24.23 6.45 16.56
N VAL E 2 -24.33 5.64 15.53
CA VAL E 2 -25.55 5.56 14.73
C VAL E 2 -26.55 4.64 15.43
N VAL E 3 -27.74 5.15 15.69
CA VAL E 3 -28.79 4.40 16.38
C VAL E 3 -29.73 3.80 15.35
N MET E 4 -29.88 2.48 15.39
CA MET E 4 -30.74 1.75 14.45
C MET E 4 -31.98 1.29 15.20
N THR E 5 -33.13 1.82 14.81
CA THR E 5 -34.42 1.42 15.38
C THR E 5 -35.27 0.75 14.32
N GLN E 6 -35.95 -0.32 14.72
CA GLN E 6 -36.77 -1.10 13.80
C GLN E 6 -38.24 -1.01 14.21
N THR E 7 -39.11 -1.35 13.26
CA THR E 7 -40.55 -1.34 13.48
C THR E 7 -41.22 -2.33 12.53
N PRO E 8 -42.09 -3.22 13.04
CA PRO E 8 -42.42 -3.35 14.46
C PRO E 8 -41.35 -4.11 15.25
N LEU E 9 -41.43 -4.07 16.58
CA LEU E 9 -40.56 -4.94 17.37
C LEU E 9 -40.96 -6.39 17.21
N SER E 10 -42.26 -6.64 17.16
CA SER E 10 -42.83 -7.95 16.88
C SER E 10 -43.80 -7.77 15.72
N LEU E 11 -43.39 -8.21 14.52
CA LEU E 11 -44.29 -8.15 13.38
C LEU E 11 -44.82 -9.54 13.09
N PRO E 12 -46.10 -9.79 13.29
CA PRO E 12 -46.66 -11.12 13.05
C PRO E 12 -47.21 -11.28 11.63
N VAL E 13 -47.57 -12.52 11.31
CA VAL E 13 -47.92 -12.93 9.95
C VAL E 13 -48.37 -14.39 10.01
N SER E 14 -48.57 -15.03 8.86
CA SER E 14 -48.59 -16.49 8.81
C SER E 14 -48.15 -16.91 7.41
N LEU E 15 -48.36 -18.19 7.08
CA LEU E 15 -47.61 -18.81 6.00
C LEU E 15 -48.23 -18.46 4.64
N GLY E 16 -47.44 -17.83 3.78
CA GLY E 16 -47.86 -17.48 2.44
C GLY E 16 -48.06 -16.00 2.19
N ASP E 17 -48.06 -15.17 3.24
CA ASP E 17 -48.31 -13.75 3.05
C ASP E 17 -47.06 -13.03 2.58
N GLN E 18 -47.19 -11.71 2.45
CA GLN E 18 -46.08 -10.80 2.20
C GLN E 18 -45.85 -9.99 3.46
N ALA E 19 -44.72 -10.21 4.11
CA ALA E 19 -44.32 -9.44 5.28
C ALA E 19 -43.25 -8.43 4.88
N SER E 20 -43.13 -7.38 5.69
CA SER E 20 -42.12 -6.36 5.41
C SER E 20 -41.76 -5.63 6.69
N ILE E 21 -40.47 -5.36 6.85
CA ILE E 21 -39.89 -4.82 8.08
C ILE E 21 -39.09 -3.58 7.72
N SER E 22 -39.08 -2.59 8.61
CA SER E 22 -38.39 -1.34 8.36
C SER E 22 -37.28 -1.13 9.38
N CYS E 23 -36.19 -0.52 8.92
CA CYS E 23 -35.05 -0.12 9.75
C CYS E 23 -34.75 1.34 9.47
N ARG E 24 -34.36 2.07 10.51
CA ARG E 24 -34.07 3.49 10.36
C ARG E 24 -32.90 3.89 11.25
N SER E 25 -31.98 4.66 10.67
CA SER E 25 -30.77 5.09 11.34
C SER E 25 -30.88 6.56 11.77
N SER E 26 -30.12 6.92 12.80
CA SER E 26 -30.12 8.30 13.27
C SER E 26 -29.42 9.22 12.26
N GLN E 27 -28.50 8.69 11.47
CA GLN E 27 -27.81 9.43 10.44
C GLN E 27 -28.09 8.79 9.08
N SER E 28 -27.65 9.48 8.03
CA SER E 28 -27.66 8.90 6.69
C SER E 28 -26.52 7.90 6.56
N LEU E 29 -26.78 6.81 5.85
CA LEU E 29 -25.80 5.75 5.67
C LEU E 29 -25.16 5.78 4.29
N VAL E 30 -25.35 6.86 3.53
CA VAL E 30 -24.74 6.99 2.21
C VAL E 30 -23.31 7.48 2.43
N HIS E 31 -22.36 6.55 2.40
CA HIS E 31 -20.95 6.88 2.52
C HIS E 31 -20.51 7.70 1.30
N SER E 32 -19.35 8.33 1.42
CA SER E 32 -18.74 9.03 0.29
C SER E 32 -18.71 8.18 -0.99
N ASN E 33 -18.83 6.84 -0.91
CA ASN E 33 -18.86 6.04 -2.12
C ASN E 33 -19.98 6.49 -3.05
N GLY E 34 -21.12 6.85 -2.47
CA GLY E 34 -22.38 6.82 -3.15
C GLY E 34 -23.21 5.59 -2.85
N ASP E 35 -22.60 4.56 -2.26
CA ASP E 35 -23.30 3.36 -1.83
C ASP E 35 -23.78 3.51 -0.39
N THR E 36 -24.69 2.62 0.01
CA THR E 36 -25.24 2.59 1.34
C THR E 36 -24.94 1.24 1.98
N TYR E 37 -24.39 1.27 3.19
CA TYR E 37 -23.91 0.06 3.86
C TYR E 37 -24.84 -0.31 5.01
N LEU E 38 -26.04 -0.76 4.64
CA LEU E 38 -26.97 -1.37 5.58
C LEU E 38 -27.16 -2.83 5.23
N HIS E 39 -27.15 -3.69 6.24
CA HIS E 39 -27.20 -5.12 6.05
C HIS E 39 -28.30 -5.73 6.90
N TRP E 40 -28.78 -6.89 6.47
CA TRP E 40 -29.85 -7.61 7.16
C TRP E 40 -29.37 -8.97 7.60
N TYR E 41 -29.80 -9.38 8.79
CA TYR E 41 -29.40 -10.66 9.38
C TYR E 41 -30.64 -11.37 9.91
N LEU E 42 -30.63 -12.70 9.85
CA LEU E 42 -31.70 -13.52 10.39
C LEU E 42 -31.09 -14.46 11.43
N GLN E 43 -31.59 -14.38 12.67
CA GLN E 43 -31.13 -15.23 13.76
C GLN E 43 -32.28 -16.16 14.14
N LYS E 44 -32.15 -17.43 13.75
CA LYS E 44 -33.13 -18.45 14.12
C LYS E 44 -32.93 -18.85 15.57
N PRO E 45 -33.98 -19.37 16.22
CA PRO E 45 -33.89 -19.68 17.67
C PRO E 45 -32.72 -20.58 18.04
N GLY E 46 -31.81 -20.05 18.86
CA GLY E 46 -30.70 -20.80 19.38
C GLY E 46 -29.48 -20.87 18.49
N GLN E 47 -29.40 -20.03 17.46
CA GLN E 47 -28.30 -20.07 16.49
C GLN E 47 -27.67 -18.69 16.38
N SER E 48 -26.61 -18.60 15.58
CA SER E 48 -25.96 -17.34 15.30
C SER E 48 -26.67 -16.63 14.14
N PRO E 49 -26.56 -15.31 14.06
CA PRO E 49 -27.16 -14.59 12.94
C PRO E 49 -26.55 -15.02 11.61
N LYS E 50 -27.38 -14.98 10.57
CA LYS E 50 -26.95 -15.33 9.22
C LYS E 50 -27.22 -14.14 8.30
N LEU E 51 -26.20 -13.75 7.55
CA LEU E 51 -26.31 -12.59 6.67
C LEU E 51 -27.33 -12.86 5.56
N LEU E 52 -28.36 -12.03 5.48
CA LEU E 52 -29.38 -12.15 4.44
C LEU E 52 -29.12 -11.20 3.28
N ILE E 53 -28.84 -9.93 3.56
CA ILE E 53 -28.70 -8.91 2.54
C ILE E 53 -27.61 -7.93 2.97
N TYR E 54 -26.77 -7.54 2.01
CA TYR E 54 -25.76 -6.52 2.23
C TYR E 54 -25.96 -5.38 1.22
N LYS E 55 -25.49 -4.20 1.60
CA LYS E 55 -25.59 -3.00 0.77
C LYS E 55 -27.04 -2.76 0.33
N VAL E 56 -27.94 -2.78 1.31
CA VAL E 56 -29.35 -2.42 1.16
C VAL E 56 -30.14 -3.48 0.40
N SER E 57 -29.72 -3.79 -0.83
CA SER E 57 -30.54 -4.63 -1.71
C SER E 57 -29.80 -5.82 -2.31
N ASN E 58 -28.52 -6.01 -2.03
CA ASN E 58 -27.78 -7.13 -2.60
C ASN E 58 -28.00 -8.39 -1.76
N ARG E 59 -28.38 -9.47 -2.41
CA ARG E 59 -28.68 -10.72 -1.72
C ARG E 59 -27.42 -11.56 -1.55
N PHE E 60 -27.28 -12.16 -0.37
CA PHE E 60 -26.10 -12.96 -0.06
C PHE E 60 -26.19 -14.33 -0.73
N SER E 61 -25.09 -15.08 -0.65
CA SER E 61 -25.01 -16.39 -1.30
C SER E 61 -26.07 -17.33 -0.73
N GLY E 62 -26.83 -17.97 -1.62
CA GLY E 62 -27.80 -18.96 -1.20
C GLY E 62 -28.98 -18.43 -0.42
N VAL E 63 -29.43 -17.21 -0.73
CA VAL E 63 -30.62 -16.63 -0.12
C VAL E 63 -31.74 -16.63 -1.16
N PRO E 64 -32.93 -17.14 -0.84
CA PRO E 64 -34.00 -17.20 -1.82
C PRO E 64 -34.46 -15.81 -2.25
N ASP E 65 -35.06 -15.75 -3.45
CA ASP E 65 -35.52 -14.49 -4.02
C ASP E 65 -36.63 -13.84 -3.19
N ARG E 66 -37.23 -14.58 -2.26
CA ARG E 66 -38.32 -14.02 -1.47
C ARG E 66 -37.87 -12.81 -0.65
N PHE E 67 -36.61 -12.81 -0.21
CA PHE E 67 -36.07 -11.68 0.52
C PHE E 67 -35.62 -10.58 -0.44
N SER E 68 -36.12 -9.37 -0.23
CA SER E 68 -35.77 -8.23 -1.07
C SER E 68 -35.63 -7.00 -0.19
N GLY E 69 -34.54 -6.26 -0.38
CA GLY E 69 -34.25 -5.07 0.39
C GLY E 69 -34.44 -3.80 -0.44
N SER E 70 -34.81 -2.72 0.24
CA SER E 70 -34.99 -1.44 -0.41
C SER E 70 -34.75 -0.33 0.61
N GLY E 71 -34.79 0.91 0.14
CA GLY E 71 -34.62 2.07 0.99
C GLY E 71 -33.43 2.91 0.56
N SER E 72 -33.34 4.09 1.18
CA SER E 72 -32.27 5.04 0.89
C SER E 72 -32.13 5.99 2.06
N GLY E 73 -30.93 6.55 2.19
CA GLY E 73 -30.66 7.55 3.22
C GLY E 73 -30.78 7.03 4.64
N THR E 74 -31.96 7.18 5.23
CA THR E 74 -32.19 6.79 6.61
C THR E 74 -33.27 5.72 6.78
N ASP E 75 -34.15 5.53 5.80
CA ASP E 75 -35.21 4.53 5.88
C ASP E 75 -34.91 3.38 4.94
N PHE E 76 -35.09 2.16 5.44
CA PHE E 76 -34.88 0.95 4.65
C PHE E 76 -35.92 -0.09 5.03
N THR E 77 -36.15 -1.03 4.12
CA THR E 77 -37.18 -2.03 4.31
C THR E 77 -36.73 -3.37 3.75
N LEU E 78 -37.22 -4.44 4.36
CA LEU E 78 -36.95 -5.81 3.93
C LEU E 78 -38.28 -6.51 3.72
N LYS E 79 -38.53 -7.00 2.52
CA LYS E 79 -39.78 -7.64 2.16
C LYS E 79 -39.57 -9.14 1.97
N ILE E 80 -40.42 -9.94 2.60
CA ILE E 80 -40.47 -11.38 2.38
C ILE E 80 -41.72 -11.65 1.54
N SER E 81 -41.50 -12.01 0.28
CA SER E 81 -42.63 -12.17 -0.65
C SER E 81 -43.60 -13.24 -0.17
N ARG E 82 -43.07 -14.38 0.28
CA ARG E 82 -43.90 -15.46 0.81
C ARG E 82 -43.22 -16.04 2.04
N VAL E 83 -43.88 -15.93 3.18
CA VAL E 83 -43.31 -16.36 4.46
C VAL E 83 -43.48 -17.87 4.58
N GLU E 84 -42.35 -18.58 4.58
CA GLU E 84 -42.34 -20.01 4.84
C GLU E 84 -42.10 -20.24 6.32
N ALA E 85 -41.89 -21.49 6.71
CA ALA E 85 -41.59 -21.81 8.11
C ALA E 85 -40.15 -21.51 8.48
N ALA E 86 -39.24 -21.48 7.51
CA ALA E 86 -37.84 -21.19 7.78
C ALA E 86 -37.57 -19.70 7.96
N ASP E 87 -38.52 -18.84 7.61
CA ASP E 87 -38.30 -17.40 7.69
C ASP E 87 -38.58 -16.84 9.09
N LEU E 88 -39.20 -17.61 9.97
CA LEU E 88 -39.47 -17.13 11.32
C LEU E 88 -38.18 -16.98 12.09
N GLY E 89 -38.12 -15.95 12.92
CA GLY E 89 -36.93 -15.66 13.70
C GLY E 89 -36.83 -14.16 13.93
N VAL E 90 -35.67 -13.75 14.44
CA VAL E 90 -35.40 -12.35 14.74
C VAL E 90 -34.54 -11.77 13.63
N TYR E 91 -35.00 -10.65 13.05
CA TYR E 91 -34.30 -9.99 11.96
C TYR E 91 -33.59 -8.75 12.48
N PHE E 92 -32.29 -8.67 12.21
CA PHE E 92 -31.47 -7.54 12.63
C PHE E 92 -30.99 -6.76 11.42
N CYS E 93 -31.03 -5.44 11.53
CA CYS E 93 -30.39 -4.57 10.56
C CYS E 93 -29.12 -3.99 11.15
N SER E 94 -28.11 -3.81 10.30
CA SER E 94 -26.80 -3.35 10.75
C SER E 94 -26.22 -2.39 9.73
N GLN E 95 -25.41 -1.46 10.22
CA GLN E 95 -24.75 -0.47 9.38
C GLN E 95 -23.25 -0.56 9.58
N SER E 96 -22.50 -0.36 8.49
CA SER E 96 -21.05 -0.30 8.54
C SER E 96 -20.50 0.97 7.91
N THR E 97 -21.36 1.96 7.65
CA THR E 97 -20.90 3.21 7.06
C THR E 97 -20.07 4.02 8.05
N HIS E 98 -20.63 4.29 9.23
CA HIS E 98 -19.97 5.09 10.25
C HIS E 98 -19.49 4.15 11.36
N VAL E 99 -18.24 3.69 11.23
CA VAL E 99 -17.65 2.76 12.20
C VAL E 99 -16.22 3.22 12.49
N PRO E 100 -15.73 2.90 13.71
CA PRO E 100 -16.38 2.23 14.83
C PRO E 100 -17.34 3.15 15.59
N PRO E 101 -18.28 2.57 16.36
CA PRO E 101 -18.53 1.14 16.51
C PRO E 101 -19.55 0.60 15.51
N PHE E 102 -19.53 -0.71 15.30
CA PHE E 102 -20.55 -1.36 14.49
C PHE E 102 -21.82 -1.51 15.30
N THR E 103 -22.93 -0.98 14.77
CA THR E 103 -24.20 -0.94 15.50
C THR E 103 -25.24 -1.80 14.79
N PHE E 104 -26.10 -2.41 15.58
CA PHE E 104 -27.18 -3.25 15.09
C PHE E 104 -28.51 -2.71 15.57
N GLY E 105 -29.58 -3.11 14.86
CA GLY E 105 -30.92 -2.78 15.32
C GLY E 105 -31.35 -3.64 16.48
N GLY E 106 -32.45 -3.23 17.10
CA GLY E 106 -32.98 -3.98 18.23
C GLY E 106 -33.49 -5.36 17.88
N GLY E 107 -33.66 -5.66 16.60
CA GLY E 107 -34.16 -6.94 16.18
C GLY E 107 -35.69 -7.00 16.20
N THR E 108 -36.23 -7.94 15.43
CA THR E 108 -37.68 -8.10 15.35
C THR E 108 -38.03 -9.57 15.15
N LYS E 109 -38.91 -10.08 15.99
CA LYS E 109 -39.35 -11.47 15.90
C LYS E 109 -40.45 -11.60 14.86
N LEU E 110 -40.20 -12.40 13.82
CA LEU E 110 -41.24 -12.76 12.86
C LEU E 110 -41.97 -13.99 13.38
N GLU E 111 -43.30 -13.92 13.42
CA GLU E 111 -44.09 -14.91 14.13
C GLU E 111 -45.35 -15.25 13.33
N ILE E 112 -46.14 -16.17 13.89
CA ILE E 112 -47.42 -16.57 13.33
C ILE E 112 -48.54 -15.80 14.02
N LYS E 113 -49.43 -15.23 13.23
CA LYS E 113 -50.66 -14.60 13.73
C LYS E 113 -51.85 -15.52 13.47
N ARG E 114 -52.59 -15.83 14.53
CA ARG E 114 -53.81 -16.62 14.45
C ARG E 114 -54.95 -15.81 15.06
N ALA E 115 -56.01 -16.49 15.47
CA ALA E 115 -57.16 -15.85 16.10
C ALA E 115 -56.90 -15.57 17.58
N ASP E 116 -57.24 -14.35 18.01
CA ASP E 116 -57.01 -13.92 19.38
C ASP E 116 -57.63 -14.90 20.37
N ALA E 117 -56.87 -15.23 21.42
CA ALA E 117 -57.28 -16.20 22.42
C ALA E 117 -57.17 -15.58 23.81
N ALA E 118 -57.91 -16.17 24.76
CA ALA E 118 -57.93 -15.74 26.14
C ALA E 118 -57.02 -16.63 26.99
N PRO E 119 -56.38 -16.06 28.02
CA PRO E 119 -55.52 -16.86 28.90
C PRO E 119 -56.31 -17.95 29.61
N THR E 120 -55.56 -18.87 30.20
CA THR E 120 -56.11 -19.90 31.09
C THR E 120 -55.25 -19.88 32.35
N VAL E 121 -55.71 -19.16 33.36
CA VAL E 121 -54.92 -18.83 34.53
C VAL E 121 -55.14 -19.88 35.60
N SER E 122 -54.05 -20.26 36.29
CA SER E 122 -54.11 -21.22 37.39
C SER E 122 -53.12 -20.83 38.47
N ILE E 123 -53.48 -21.12 39.71
CA ILE E 123 -52.70 -20.72 40.88
C ILE E 123 -52.34 -21.97 41.67
N PHE E 124 -51.15 -21.96 42.29
CA PHE E 124 -50.67 -23.12 43.02
C PHE E 124 -49.99 -22.73 44.33
N PRO E 125 -50.50 -23.19 45.46
CA PRO E 125 -49.82 -22.96 46.74
C PRO E 125 -48.47 -23.63 46.78
N PRO E 126 -47.64 -23.31 47.77
CA PRO E 126 -46.39 -24.06 47.97
C PRO E 126 -46.68 -25.55 48.20
N SER E 127 -45.75 -26.39 47.75
CA SER E 127 -45.86 -27.82 47.97
C SER E 127 -45.30 -28.21 49.33
N SER E 128 -45.88 -29.27 49.91
CA SER E 128 -45.49 -29.70 51.24
C SER E 128 -44.00 -30.04 51.33
N GLU E 129 -43.39 -30.45 50.20
CA GLU E 129 -41.96 -30.72 50.22
C GLU E 129 -41.15 -29.44 50.40
N GLN E 130 -41.59 -28.35 49.75
CA GLN E 130 -40.88 -27.08 49.89
C GLN E 130 -40.90 -26.59 51.33
N LEU E 131 -42.06 -26.68 51.99
CA LEU E 131 -42.17 -26.27 53.39
C LEU E 131 -41.34 -27.16 54.31
N THR E 132 -41.04 -28.39 53.89
CA THR E 132 -40.24 -29.28 54.74
C THR E 132 -38.80 -28.80 54.81
N SER E 133 -38.27 -28.28 53.71
CA SER E 133 -36.90 -27.78 53.66
C SER E 133 -36.78 -26.31 54.04
N GLY E 134 -37.90 -25.61 54.20
CA GLY E 134 -37.86 -24.20 54.54
C GLY E 134 -37.87 -23.29 53.33
N GLY E 135 -38.87 -23.44 52.48
CA GLY E 135 -38.99 -22.61 51.30
C GLY E 135 -40.42 -22.58 50.81
N ALA E 136 -40.80 -21.46 50.20
CA ALA E 136 -42.14 -21.24 49.69
C ALA E 136 -42.07 -20.66 48.29
N SER E 137 -42.99 -21.08 47.43
CA SER E 137 -43.02 -20.60 46.05
C SER E 137 -44.43 -20.77 45.51
N VAL E 138 -45.16 -19.66 45.36
CA VAL E 138 -46.49 -19.65 44.76
C VAL E 138 -46.33 -19.46 43.27
N VAL E 139 -47.07 -20.24 42.48
CA VAL E 139 -46.90 -20.32 41.04
C VAL E 139 -48.23 -20.00 40.35
N CYS E 140 -48.17 -19.16 39.33
CA CYS E 140 -49.30 -18.88 38.45
C CYS E 140 -48.93 -19.30 37.04
N PHE E 141 -49.87 -19.93 36.34
CA PHE E 141 -49.67 -20.38 34.97
C PHE E 141 -50.70 -19.71 34.08
N LEU E 142 -50.24 -18.76 33.26
CA LEU E 142 -51.09 -18.05 32.30
C LEU E 142 -50.75 -18.66 30.94
N ASN E 143 -51.51 -19.68 30.56
CA ASN E 143 -51.13 -20.56 29.46
C ASN E 143 -52.01 -20.32 28.24
N ASN E 144 -51.38 -20.41 27.07
CA ASN E 144 -52.07 -20.36 25.78
C ASN E 144 -52.93 -19.11 25.62
N PHE E 145 -52.30 -17.96 25.82
CA PHE E 145 -52.86 -16.65 25.51
C PHE E 145 -52.17 -16.11 24.28
N TYR E 146 -52.77 -15.11 23.66
CA TYR E 146 -52.27 -14.79 22.34
C TYR E 146 -52.83 -13.49 21.77
N PRO E 147 -52.01 -12.52 21.31
CA PRO E 147 -50.51 -12.59 21.39
C PRO E 147 -50.01 -12.16 22.79
N LYS E 148 -48.70 -12.31 22.84
CA LYS E 148 -47.90 -12.40 24.05
C LYS E 148 -48.01 -11.17 24.96
N ASP E 149 -48.54 -10.06 24.46
CA ASP E 149 -48.65 -8.87 25.28
C ASP E 149 -49.54 -9.14 26.48
N ILE E 150 -48.93 -9.61 27.58
CA ILE E 150 -49.62 -9.91 28.81
C ILE E 150 -48.88 -9.23 29.96
N ASN E 151 -49.61 -8.99 31.04
CA ASN E 151 -49.03 -8.37 32.22
C ASN E 151 -49.57 -9.06 33.46
N VAL E 152 -48.68 -9.36 34.39
CA VAL E 152 -49.05 -10.06 35.61
C VAL E 152 -49.26 -9.03 36.72
N LYS E 153 -50.05 -9.42 37.72
CA LYS E 153 -50.31 -8.57 38.88
C LYS E 153 -50.71 -9.46 40.04
N TRP E 154 -50.11 -9.21 41.20
CA TRP E 154 -50.26 -10.07 42.36
C TRP E 154 -50.75 -9.30 43.57
N LYS E 155 -51.63 -9.92 44.34
CA LYS E 155 -52.17 -9.35 45.57
C LYS E 155 -51.90 -10.30 46.71
N ILE E 156 -51.14 -9.83 47.71
CA ILE E 156 -50.77 -10.65 48.85
C ILE E 156 -51.77 -10.45 49.99
N GLN E 162 -45.44 -6.83 44.33
CA GLN E 162 -44.54 -6.69 43.20
C GLN E 162 -43.14 -7.19 43.52
N ASN E 163 -42.86 -7.37 44.82
CA ASN E 163 -41.53 -7.79 45.26
C ASN E 163 -41.39 -9.30 45.18
N GLY E 164 -40.20 -9.74 44.76
CA GLY E 164 -39.90 -11.16 44.70
C GLY E 164 -40.63 -11.92 43.63
N VAL E 165 -41.09 -11.25 42.58
CA VAL E 165 -41.82 -11.89 41.50
C VAL E 165 -40.87 -12.07 40.32
N LEU E 166 -40.75 -13.31 39.86
CA LEU E 166 -39.95 -13.63 38.69
C LEU E 166 -40.85 -14.20 37.62
N ASN E 167 -40.62 -13.77 36.39
CA ASN E 167 -41.44 -14.16 35.26
C ASN E 167 -40.59 -14.85 34.21
N SER E 168 -41.23 -15.74 33.44
CA SER E 168 -40.59 -16.46 32.35
C SER E 168 -41.61 -16.70 31.25
N TRP E 169 -41.20 -16.51 30.00
CA TRP E 169 -42.11 -16.56 28.87
C TRP E 169 -41.70 -17.67 27.89
N THR E 170 -42.72 -18.35 27.37
CA THR E 170 -42.54 -19.39 26.37
C THR E 170 -42.53 -18.78 24.98
N ASP E 171 -41.69 -19.31 24.09
CA ASP E 171 -41.74 -18.92 22.69
C ASP E 171 -43.08 -19.36 22.10
N GLN E 172 -43.39 -18.86 20.90
CA GLN E 172 -44.66 -19.20 20.30
C GLN E 172 -44.76 -20.70 20.06
N ASP E 173 -45.80 -21.33 20.61
CA ASP E 173 -45.96 -22.77 20.48
C ASP E 173 -46.15 -23.16 19.02
N SER E 174 -45.46 -24.24 18.62
CA SER E 174 -45.47 -24.65 17.22
C SER E 174 -46.83 -25.20 16.80
N LYS E 175 -47.60 -25.75 17.74
CA LYS E 175 -48.86 -26.40 17.38
C LYS E 175 -49.96 -25.36 17.14
N ASP E 176 -50.24 -24.54 18.14
CA ASP E 176 -51.40 -23.65 18.11
C ASP E 176 -51.01 -22.18 18.00
N SER E 177 -49.73 -21.85 17.81
CA SER E 177 -49.29 -20.46 17.61
C SER E 177 -49.69 -19.56 18.79
N THR E 178 -49.54 -20.07 20.01
CA THR E 178 -49.96 -19.36 21.21
C THR E 178 -48.76 -19.12 22.12
N TYR E 179 -48.99 -18.40 23.22
CA TYR E 179 -47.95 -18.06 24.18
C TYR E 179 -48.37 -18.45 25.58
N SER E 180 -47.40 -18.97 26.34
CA SER E 180 -47.56 -19.26 27.75
C SER E 180 -46.55 -18.45 28.55
N MET E 181 -46.72 -18.46 29.87
CA MET E 181 -45.83 -17.67 30.72
C MET E 181 -45.97 -18.11 32.17
N SER E 182 -44.84 -18.16 32.87
CA SER E 182 -44.77 -18.53 34.27
C SER E 182 -44.53 -17.30 35.14
N SER E 183 -45.01 -17.37 36.38
CA SER E 183 -44.82 -16.29 37.35
C SER E 183 -44.81 -16.91 38.74
N THR E 184 -43.65 -16.92 39.39
CA THR E 184 -43.47 -17.56 40.68
C THR E 184 -42.96 -16.55 41.70
N LEU E 185 -43.39 -16.74 42.95
CA LEU E 185 -42.90 -15.91 44.06
C LEU E 185 -42.01 -16.73 44.99
N ARG E 194 -48.57 -16.92 57.28
CA ARG E 194 -48.84 -15.50 57.41
C ARG E 194 -50.20 -15.13 56.80
N HIS E 195 -50.16 -14.73 55.52
CA HIS E 195 -51.37 -14.29 54.83
C HIS E 195 -52.20 -15.50 54.40
N ASN E 196 -53.42 -15.21 53.95
CA ASN E 196 -54.40 -16.24 53.62
C ASN E 196 -54.68 -16.32 52.12
N SER E 197 -55.12 -15.23 51.50
CA SER E 197 -55.54 -15.25 50.11
C SER E 197 -54.44 -14.68 49.22
N TYR E 198 -53.96 -15.48 48.27
CA TYR E 198 -52.98 -15.07 47.29
C TYR E 198 -53.63 -15.08 45.91
N THR E 199 -53.22 -14.15 45.05
CA THR E 199 -53.92 -13.97 43.78
C THR E 199 -52.95 -13.51 42.70
N CYS E 200 -53.01 -14.15 41.54
CA CYS E 200 -52.44 -13.59 40.32
C CYS E 200 -53.55 -12.98 39.46
N GLU E 201 -53.21 -11.89 38.78
CA GLU E 201 -54.18 -11.13 38.01
C GLU E 201 -53.70 -11.02 36.56
N ALA E 202 -54.59 -11.28 35.62
CA ALA E 202 -54.26 -11.34 34.20
C ALA E 202 -55.21 -10.45 33.42
N THR E 203 -54.64 -9.51 32.66
CA THR E 203 -55.41 -8.62 31.80
C THR E 203 -54.90 -8.76 30.37
N HIS E 204 -55.77 -9.25 29.48
CA HIS E 204 -55.39 -9.50 28.10
C HIS E 204 -56.34 -8.78 27.15
N LYS E 205 -55.84 -8.52 25.94
CA LYS E 205 -56.63 -7.86 24.91
C LYS E 205 -57.81 -8.73 24.49
N SER E 207 -60.62 -9.79 26.83
CA SER E 207 -61.40 -9.57 28.03
C SER E 207 -61.17 -8.16 28.58
N THR E 208 -62.26 -7.44 28.83
CA THR E 208 -62.15 -6.06 29.29
C THR E 208 -61.70 -5.97 30.74
N SER E 209 -62.06 -6.96 31.56
CA SER E 209 -61.74 -7.04 32.98
C SER E 209 -60.66 -8.09 33.22
N PRO E 210 -59.86 -7.94 34.27
CA PRO E 210 -58.81 -8.92 34.53
C PRO E 210 -59.38 -10.28 34.93
N ILE E 211 -58.68 -11.33 34.50
CA ILE E 211 -58.99 -12.69 34.89
C ILE E 211 -58.30 -13.00 36.21
N VAL E 212 -59.08 -13.40 37.21
CA VAL E 212 -58.62 -13.48 38.59
C VAL E 212 -58.64 -14.93 39.05
N LYS E 213 -57.51 -15.39 39.57
CA LYS E 213 -57.37 -16.73 40.13
C LYS E 213 -56.69 -16.64 41.48
N SER E 214 -57.27 -17.29 42.49
CA SER E 214 -56.79 -17.13 43.85
C SER E 214 -57.10 -18.37 44.68
N PHE E 215 -56.27 -18.61 45.68
CA PHE E 215 -56.55 -19.60 46.71
C PHE E 215 -56.68 -18.90 48.06
N ASN E 216 -57.15 -19.65 49.05
CA ASN E 216 -57.26 -19.13 50.41
C ASN E 216 -56.42 -19.96 51.37
#